data_7LCY
#
_entry.id   7LCY
#
_cell.length_a   63.301
_cell.length_b   101.363
_cell.length_c   98.574
_cell.angle_alpha   90.000
_cell.angle_beta   103.769
_cell.angle_gamma   90.000
#
_symmetry.space_group_name_H-M   'P 1 21 1'
#
_entity_poly.entity_id   1
_entity_poly.type   'polypeptide(L)'
_entity_poly.pdbx_seq_one_letter_code
;SNADLKLDDLKSLTAGSGQQEIEQTINKYSNMLTSIVSSLQEDERGGSAITVHDVGGKKSQYLEKINEVIRRAWAVPTHG
HELGYSLCNSLRQSGGLDLLMKNCVKPDLQFSSAQLLEQCLTTENRKHVVDNGLDKVVNVACVCTKNSNMEHSRVGTGIL
EHLFKHSEGTCSDVIRLGGLDAVLFECRTSDLETLRHCASALANLSLYGGAENQEEMILRKVPMWLFPLAFHNDDNIKYY
ACLAIAVLVANKEIEAEVLKSGCLDLVEPFVTSHDPSAFARSNLAHAHGQSKHWLKRLVPVLSSNREEARNLAAFHFCME
AGIKREQGNTDIFREINAIEALKNVASCPNAIASKFAAQALRLIGET
;
_entity_poly.pdbx_strand_id   A,B,C
#
# COMPACT_ATOMS: atom_id res chain seq x y z
N ALA A 15 22.59 7.56 -20.77
CA ALA A 15 21.46 7.46 -19.86
C ALA A 15 20.80 8.81 -19.64
N GLY A 16 19.55 8.80 -19.17
CA GLY A 16 18.82 10.02 -18.88
C GLY A 16 18.75 10.27 -17.39
N SER A 17 18.87 11.54 -17.01
CA SER A 17 18.88 11.91 -15.59
C SER A 17 18.45 13.37 -15.47
N GLY A 18 17.98 13.72 -14.27
CA GLY A 18 17.58 15.08 -13.99
C GLY A 18 16.10 15.33 -14.28
N GLN A 19 15.77 16.59 -14.56
CA GLN A 19 14.40 16.97 -14.89
C GLN A 19 14.37 18.34 -15.56
N GLN A 20 14.69 18.38 -16.85
CA GLN A 20 14.78 19.61 -17.62
C GLN A 20 13.82 19.56 -18.80
N GLU A 21 13.79 20.66 -19.56
CA GLU A 21 12.88 20.81 -20.69
C GLU A 21 13.42 20.22 -21.98
N ILE A 22 14.50 19.46 -21.92
CA ILE A 22 15.14 18.96 -23.14
C ILE A 22 14.33 17.78 -23.69
N GLU A 23 13.79 17.96 -24.89
CA GLU A 23 13.06 16.90 -25.57
C GLU A 23 13.94 16.11 -26.53
N GLN A 24 15.19 16.52 -26.72
CA GLN A 24 16.13 15.77 -27.53
C GLN A 24 16.34 14.35 -27.03
N THR A 25 16.06 14.10 -25.75
CA THR A 25 16.18 12.76 -25.21
C THR A 25 15.09 11.83 -25.74
N ILE A 26 13.89 12.36 -25.99
CA ILE A 26 12.77 11.52 -26.38
C ILE A 26 13.00 10.92 -27.77
N ASN A 27 13.34 11.76 -28.75
CA ASN A 27 13.50 11.28 -30.11
C ASN A 27 14.67 10.31 -30.25
N LYS A 28 15.70 10.47 -29.42
CA LYS A 28 16.83 9.55 -29.46
C LYS A 28 16.38 8.14 -29.10
N TYR A 29 15.61 8.00 -28.03
CA TYR A 29 15.10 6.70 -27.61
C TYR A 29 13.82 6.31 -28.33
N SER A 30 13.15 7.25 -29.00
CA SER A 30 12.03 6.89 -29.86
C SER A 30 12.52 6.38 -31.22
N ASN A 31 13.55 7.01 -31.77
CA ASN A 31 14.13 6.52 -33.02
C ASN A 31 14.86 5.20 -32.79
N MET A 32 15.51 5.06 -31.63
CA MET A 32 16.14 3.78 -31.29
C MET A 32 15.10 2.68 -31.11
N LEU A 33 13.92 3.04 -30.58
CA LEU A 33 12.86 2.05 -30.43
C LEU A 33 12.32 1.63 -31.80
N THR A 34 12.20 2.57 -32.73
CA THR A 34 11.71 2.25 -34.06
C THR A 34 12.75 1.54 -34.91
N SER A 35 14.03 1.67 -34.59
CA SER A 35 15.07 0.98 -35.35
C SER A 35 15.16 -0.48 -34.96
N ILE A 36 15.00 -0.79 -33.67
CA ILE A 36 15.01 -2.18 -33.22
C ILE A 36 13.77 -2.92 -33.74
N VAL A 37 12.61 -2.24 -33.75
CA VAL A 37 11.41 -2.85 -34.30
C VAL A 37 11.55 -3.04 -35.81
N SER A 38 12.24 -2.13 -36.48
CA SER A 38 12.43 -2.22 -37.93
C SER A 38 13.25 -3.43 -38.36
N SER A 39 13.74 -4.23 -37.42
CA SER A 39 14.53 -5.42 -37.74
C SER A 39 13.69 -6.70 -37.75
N LEU A 40 12.36 -6.58 -37.73
CA LEU A 40 11.51 -7.76 -37.76
C LEU A 40 11.57 -8.43 -39.14
N GLN A 41 11.39 -9.74 -39.14
CA GLN A 41 11.39 -10.51 -40.38
C GLN A 41 10.17 -11.43 -40.45
N TYR A 62 17.17 -12.30 -29.25
CA TYR A 62 16.24 -11.24 -28.88
C TYR A 62 16.93 -10.20 -28.01
N LEU A 63 17.00 -8.96 -28.51
CA LEU A 63 17.59 -7.88 -27.75
C LEU A 63 16.76 -7.60 -26.49
N GLU A 64 15.50 -7.20 -26.68
CA GLU A 64 14.54 -6.96 -25.60
C GLU A 64 15.04 -5.92 -24.60
N LYS A 65 15.98 -5.07 -25.00
CA LYS A 65 16.36 -3.93 -24.18
C LYS A 65 15.34 -2.80 -24.27
N ILE A 66 14.27 -2.98 -25.05
CA ILE A 66 13.20 -1.99 -25.08
C ILE A 66 12.44 -1.97 -23.77
N ASN A 67 12.34 -3.11 -23.09
CA ASN A 67 11.65 -3.15 -21.81
C ASN A 67 12.47 -2.44 -20.73
N GLU A 68 13.80 -2.59 -20.76
CA GLU A 68 14.65 -1.97 -19.75
C GLU A 68 14.72 -0.46 -19.90
N VAL A 69 14.48 0.07 -21.10
CA VAL A 69 14.59 1.52 -21.31
C VAL A 69 13.25 2.21 -21.06
N ILE A 70 12.13 1.60 -21.46
CA ILE A 70 10.83 2.18 -21.15
C ILE A 70 10.56 2.10 -19.65
N ARG A 71 11.06 1.06 -18.99
CA ARG A 71 10.94 0.97 -17.54
C ARG A 71 11.57 2.17 -16.85
N ARG A 72 12.79 2.51 -17.24
CA ARG A 72 13.46 3.69 -16.68
C ARG A 72 12.90 4.98 -17.25
N ALA A 73 12.40 4.95 -18.50
CA ALA A 73 11.78 6.15 -19.06
C ALA A 73 10.50 6.50 -18.31
N TRP A 74 9.73 5.50 -17.90
CA TRP A 74 8.58 5.76 -17.04
C TRP A 74 9.01 6.36 -15.72
N ALA A 75 9.99 5.74 -15.04
CA ALA A 75 10.45 6.13 -13.71
C ALA A 75 11.09 7.54 -13.67
N VAL A 76 11.06 8.36 -14.72
CA VAL A 76 11.54 9.74 -14.65
C VAL A 76 10.69 10.52 -13.67
N PRO A 77 11.29 11.33 -12.77
CA PRO A 77 10.53 11.95 -11.67
C PRO A 77 9.28 12.71 -12.08
N THR A 78 9.40 13.69 -12.97
CA THR A 78 8.28 14.54 -13.31
C THR A 78 7.80 14.39 -14.75
N HIS A 79 8.63 13.90 -15.65
CA HIS A 79 8.28 13.79 -17.06
C HIS A 79 8.09 12.35 -17.52
N GLY A 80 8.12 11.39 -16.58
CA GLY A 80 8.00 9.99 -16.97
C GLY A 80 6.69 9.68 -17.65
N HIS A 81 5.61 10.38 -17.29
CA HIS A 81 4.34 10.18 -17.97
C HIS A 81 4.38 10.73 -19.39
N GLU A 82 5.14 11.80 -19.61
CA GLU A 82 5.30 12.35 -20.95
C GLU A 82 6.28 11.53 -21.79
N LEU A 83 7.31 10.98 -21.16
CA LEU A 83 8.30 10.19 -21.89
C LEU A 83 7.78 8.80 -22.22
N GLY A 84 7.15 8.13 -21.24
CA GLY A 84 6.67 6.79 -21.48
C GLY A 84 5.62 6.72 -22.56
N TYR A 85 4.69 7.68 -22.58
CA TYR A 85 3.65 7.70 -23.59
C TYR A 85 4.21 7.89 -24.99
N SER A 86 5.29 8.67 -25.13
CA SER A 86 5.89 8.86 -26.45
C SER A 86 6.62 7.61 -26.92
N LEU A 87 7.30 6.92 -26.01
CA LEU A 87 7.99 5.69 -26.38
C LEU A 87 7.00 4.60 -26.78
N CYS A 88 5.93 4.43 -25.99
CA CYS A 88 4.93 3.43 -26.32
C CYS A 88 4.17 3.78 -27.59
N ASN A 89 4.04 5.08 -27.90
CA ASN A 89 3.44 5.47 -29.17
C ASN A 89 4.36 5.12 -30.33
N SER A 90 5.66 5.37 -30.19
CA SER A 90 6.62 4.92 -31.20
C SER A 90 6.64 3.41 -31.32
N LEU A 91 6.26 2.70 -30.26
CA LEU A 91 6.17 1.24 -30.34
C LEU A 91 4.96 0.80 -31.15
N ARG A 92 3.85 1.52 -31.03
CA ARG A 92 2.65 1.20 -31.79
C ARG A 92 2.74 1.71 -33.22
N GLN A 93 3.34 2.89 -33.41
CA GLN A 93 3.44 3.49 -34.74
C GLN A 93 4.47 2.81 -35.63
N SER A 94 5.39 2.04 -35.06
CA SER A 94 6.42 1.35 -35.84
C SER A 94 6.09 -0.12 -36.08
N GLY A 95 4.93 -0.59 -35.64
CA GLY A 95 4.55 -1.98 -35.80
C GLY A 95 5.06 -2.91 -34.74
N GLY A 96 5.66 -2.40 -33.66
CA GLY A 96 6.12 -3.26 -32.58
C GLY A 96 4.99 -3.79 -31.71
N LEU A 97 3.85 -3.11 -31.68
CA LEU A 97 2.72 -3.60 -30.91
C LEU A 97 2.16 -4.88 -31.52
N ASP A 98 1.96 -4.89 -32.84
CA ASP A 98 1.55 -6.11 -33.53
C ASP A 98 2.62 -7.20 -33.47
N LEU A 99 3.87 -6.83 -33.19
CA LEU A 99 4.94 -7.81 -33.11
C LEU A 99 4.90 -8.57 -31.79
N LEU A 100 4.64 -7.88 -30.68
CA LEU A 100 4.60 -8.54 -29.38
C LEU A 100 3.41 -9.47 -29.26
N MET A 101 2.35 -9.23 -30.00
CA MET A 101 1.15 -10.08 -29.91
C MET A 101 1.31 -11.37 -30.68
N LYS A 102 2.03 -11.35 -31.80
CA LYS A 102 2.18 -12.56 -32.60
C LYS A 102 3.21 -13.51 -31.99
N ASN A 103 4.33 -12.98 -31.50
CA ASN A 103 5.40 -13.80 -30.96
C ASN A 103 5.20 -14.16 -29.50
N CYS A 104 4.09 -13.76 -28.89
CA CYS A 104 3.81 -14.17 -27.52
C CYS A 104 3.34 -15.62 -27.44
N VAL A 105 3.17 -16.29 -28.57
CA VAL A 105 2.88 -17.72 -28.57
C VAL A 105 4.16 -18.56 -28.62
N LYS A 106 5.30 -17.95 -28.95
CA LYS A 106 6.58 -18.65 -28.95
C LYS A 106 7.08 -18.82 -27.52
N PRO A 107 7.60 -20.00 -27.17
CA PRO A 107 7.96 -20.25 -25.76
C PRO A 107 9.09 -19.38 -25.24
N ASP A 108 10.18 -19.26 -26.00
CA ASP A 108 11.33 -18.52 -25.56
C ASP A 108 11.15 -17.01 -25.64
N LEU A 109 10.02 -16.52 -26.17
CA LEU A 109 9.75 -15.10 -26.29
C LEU A 109 8.47 -14.70 -25.58
N GLN A 110 7.98 -15.52 -24.64
CA GLN A 110 6.72 -15.23 -23.98
C GLN A 110 6.88 -14.11 -22.96
N PHE A 111 7.73 -14.31 -21.96
CA PHE A 111 7.82 -13.35 -20.85
C PHE A 111 8.38 -12.02 -21.30
N SER A 112 9.37 -12.03 -22.20
CA SER A 112 9.96 -10.78 -22.66
C SER A 112 8.96 -9.93 -23.43
N SER A 113 8.07 -10.58 -24.20
CA SER A 113 7.05 -9.84 -24.92
C SER A 113 5.95 -9.36 -23.97
N ALA A 114 5.57 -10.19 -23.00
CA ALA A 114 4.54 -9.79 -22.06
C ALA A 114 5.03 -8.73 -21.09
N GLN A 115 6.32 -8.77 -20.73
CA GLN A 115 6.87 -7.76 -19.83
C GLN A 115 6.94 -6.40 -20.51
N LEU A 116 7.30 -6.38 -21.80
CA LEU A 116 7.31 -5.13 -22.55
C LEU A 116 5.90 -4.67 -22.86
N LEU A 117 4.96 -5.60 -23.02
CA LEU A 117 3.58 -5.24 -23.30
C LEU A 117 2.85 -4.74 -22.05
N GLU A 118 3.30 -5.16 -20.87
CA GLU A 118 2.67 -4.72 -19.63
C GLU A 118 2.96 -3.25 -19.35
N GLN A 119 4.11 -2.75 -19.78
CA GLN A 119 4.45 -1.34 -19.58
C GLN A 119 3.78 -0.46 -20.63
N CYS A 120 3.67 -0.94 -21.86
CA CYS A 120 3.09 -0.16 -22.95
C CYS A 120 1.67 -0.62 -23.25
N LEU A 121 0.80 -0.45 -22.25
CA LEU A 121 -0.63 -0.66 -22.45
C LEU A 121 -1.37 0.65 -22.23
N THR A 122 -0.96 1.68 -22.95
CA THR A 122 -1.60 2.98 -22.86
C THR A 122 -2.98 2.93 -23.51
N THR A 123 -3.69 4.06 -23.44
CA THR A 123 -5.04 4.11 -23.99
C THR A 123 -5.04 3.88 -25.49
N GLU A 124 -3.96 4.25 -26.18
CA GLU A 124 -3.89 4.04 -27.62
C GLU A 124 -3.53 2.59 -27.95
N ASN A 125 -2.53 2.03 -27.28
CA ASN A 125 -2.09 0.67 -27.56
C ASN A 125 -3.12 -0.36 -27.13
N ARG A 126 -3.88 -0.07 -26.06
CA ARG A 126 -4.82 -1.04 -25.52
C ARG A 126 -5.97 -1.31 -26.47
N LYS A 127 -6.41 -0.30 -27.22
CA LYS A 127 -7.49 -0.51 -28.19
C LYS A 127 -7.05 -1.46 -29.30
N HIS A 128 -5.80 -1.31 -29.76
CA HIS A 128 -5.31 -2.18 -30.82
C HIS A 128 -5.12 -3.62 -30.33
N VAL A 129 -4.88 -3.79 -29.04
CA VAL A 129 -4.65 -5.12 -28.49
C VAL A 129 -5.96 -5.92 -28.40
N VAL A 130 -7.07 -5.25 -28.11
CA VAL A 130 -8.33 -5.96 -27.86
C VAL A 130 -8.95 -6.47 -29.15
N ASP A 131 -8.85 -5.71 -30.24
CA ASP A 131 -9.66 -5.99 -31.42
C ASP A 131 -9.10 -7.10 -32.30
N ASN A 132 -7.78 -7.33 -32.28
CA ASN A 132 -7.17 -8.31 -33.17
C ASN A 132 -6.70 -9.56 -32.45
N GLY A 133 -6.01 -9.43 -31.32
CA GLY A 133 -5.48 -10.59 -30.63
C GLY A 133 -5.66 -10.55 -29.12
N LEU A 134 -6.89 -10.37 -28.67
CA LEU A 134 -7.14 -10.34 -27.22
C LEU A 134 -6.93 -11.70 -26.58
N ASP A 135 -7.12 -12.79 -27.34
CA ASP A 135 -6.89 -14.12 -26.80
C ASP A 135 -5.41 -14.35 -26.51
N LYS A 136 -4.54 -13.89 -27.41
CA LYS A 136 -3.11 -14.09 -27.23
C LYS A 136 -2.58 -13.34 -26.01
N VAL A 137 -3.16 -12.19 -25.68
CA VAL A 137 -2.61 -11.37 -24.61
C VAL A 137 -3.15 -11.81 -23.26
N VAL A 138 -4.44 -12.14 -23.19
CA VAL A 138 -5.02 -12.57 -21.91
C VAL A 138 -4.44 -13.93 -21.51
N ASN A 139 -4.23 -14.82 -22.48
CA ASN A 139 -3.76 -16.16 -22.16
C ASN A 139 -2.35 -16.14 -21.60
N VAL A 140 -1.47 -15.34 -22.19
CA VAL A 140 -0.10 -15.25 -21.66
C VAL A 140 -0.08 -14.49 -20.35
N ALA A 141 -1.10 -13.67 -20.07
CA ALA A 141 -1.20 -13.03 -18.77
C ALA A 141 -1.65 -14.01 -17.70
N CYS A 142 -2.51 -14.97 -18.06
CA CYS A 142 -2.95 -15.97 -17.09
C CYS A 142 -1.81 -16.91 -16.72
N VAL A 143 -1.04 -17.36 -17.70
CA VAL A 143 0.03 -18.31 -17.42
C VAL A 143 1.22 -17.64 -16.75
N CYS A 144 1.32 -16.31 -16.82
CA CYS A 144 2.38 -15.62 -16.09
C CYS A 144 2.09 -15.58 -14.59
N THR A 145 0.81 -15.60 -14.21
CA THR A 145 0.43 -15.61 -12.81
C THR A 145 0.47 -16.99 -12.19
N LYS A 146 0.31 -18.05 -13.00
CA LYS A 146 0.26 -19.41 -12.48
C LYS A 146 1.64 -19.94 -12.06
N ASN A 147 2.72 -19.30 -12.47
CA ASN A 147 4.06 -19.78 -12.14
C ASN A 147 4.58 -19.07 -10.88
N SER A 148 5.47 -19.76 -10.16
CA SER A 148 5.89 -19.35 -8.83
C SER A 148 6.80 -18.13 -8.82
N ASN A 149 7.24 -17.64 -9.97
CA ASN A 149 8.10 -16.47 -9.99
C ASN A 149 7.26 -15.22 -9.75
N MET A 150 7.71 -14.39 -8.80
CA MET A 150 6.98 -13.17 -8.47
C MET A 150 6.98 -12.19 -9.64
N GLU A 151 8.11 -12.07 -10.34
CA GLU A 151 8.20 -11.13 -11.45
C GLU A 151 7.20 -11.48 -12.55
N HIS A 152 7.07 -12.77 -12.86
CA HIS A 152 6.04 -13.19 -13.81
C HIS A 152 4.64 -12.95 -13.26
N SER A 153 4.46 -13.05 -11.94
CA SER A 153 3.16 -12.79 -11.36
C SER A 153 2.80 -11.31 -11.46
N ARG A 154 3.78 -10.42 -11.33
CA ARG A 154 3.52 -9.00 -11.42
C ARG A 154 3.21 -8.60 -12.86
N VAL A 155 3.88 -9.21 -13.83
CA VAL A 155 3.63 -8.88 -15.24
C VAL A 155 2.24 -9.34 -15.65
N GLY A 156 1.81 -10.50 -15.16
CA GLY A 156 0.49 -11.00 -15.54
C GLY A 156 -0.64 -10.12 -15.04
N THR A 157 -0.64 -9.81 -13.74
CA THR A 157 -1.70 -8.98 -13.19
C THR A 157 -1.61 -7.54 -13.69
N GLY A 158 -0.40 -7.08 -14.05
CA GLY A 158 -0.27 -5.77 -14.65
C GLY A 158 -0.93 -5.68 -16.01
N ILE A 159 -0.96 -6.79 -16.75
CA ILE A 159 -1.67 -6.82 -18.02
C ILE A 159 -3.18 -6.92 -17.80
N LEU A 160 -3.60 -7.75 -16.85
CA LEU A 160 -5.03 -7.87 -16.55
C LEU A 160 -5.58 -6.59 -15.94
N GLU A 161 -4.76 -5.85 -15.20
CA GLU A 161 -5.22 -4.58 -14.65
C GLU A 161 -5.56 -3.59 -15.75
N HIS A 162 -4.71 -3.50 -16.78
CA HIS A 162 -4.95 -2.55 -17.85
C HIS A 162 -6.08 -3.01 -18.77
N LEU A 163 -6.19 -4.31 -19.02
CA LEU A 163 -7.22 -4.82 -19.91
C LEU A 163 -8.63 -4.66 -19.34
N PHE A 164 -8.75 -4.44 -18.03
CA PHE A 164 -10.04 -4.18 -17.41
C PHE A 164 -10.46 -2.72 -17.52
N LYS A 165 -9.68 -1.89 -18.22
CA LYS A 165 -10.02 -0.48 -18.38
C LYS A 165 -10.39 -0.16 -19.83
N HIS A 166 -11.21 -0.99 -20.46
CA HIS A 166 -11.58 -0.74 -21.84
C HIS A 166 -13.09 -0.57 -22.01
N SER A 167 -13.82 -1.67 -22.05
CA SER A 167 -15.26 -1.62 -22.30
C SER A 167 -15.93 -2.73 -21.51
N GLU A 168 -17.27 -2.78 -21.62
CA GLU A 168 -18.01 -3.87 -21.01
C GLU A 168 -17.77 -5.18 -21.75
N GLY A 169 -17.74 -5.13 -23.08
CA GLY A 169 -17.47 -6.33 -23.85
C GLY A 169 -16.06 -6.85 -23.63
N THR A 170 -15.09 -5.95 -23.47
CA THR A 170 -13.73 -6.37 -23.18
C THR A 170 -13.65 -7.03 -21.80
N CYS A 171 -14.26 -6.40 -20.80
CA CYS A 171 -14.25 -6.97 -19.45
C CYS A 171 -14.99 -8.31 -19.41
N SER A 172 -16.03 -8.46 -20.22
CA SER A 172 -16.73 -9.74 -20.28
C SER A 172 -15.88 -10.80 -20.96
N ASP A 173 -15.11 -10.41 -21.98
CA ASP A 173 -14.25 -11.37 -22.66
C ASP A 173 -13.10 -11.82 -21.78
N VAL A 174 -12.46 -10.88 -21.07
CA VAL A 174 -11.36 -11.23 -20.18
C VAL A 174 -11.86 -12.14 -19.06
N ILE A 175 -13.09 -11.89 -18.57
CA ILE A 175 -13.68 -12.76 -17.57
C ILE A 175 -13.92 -14.15 -18.16
N ARG A 176 -14.34 -14.22 -19.43
CA ARG A 176 -14.56 -15.50 -20.09
C ARG A 176 -13.24 -16.24 -20.31
N LEU A 177 -12.23 -15.53 -20.81
CA LEU A 177 -10.93 -16.16 -21.08
C LEU A 177 -10.20 -16.57 -19.81
N GLY A 178 -10.69 -16.18 -18.64
CA GLY A 178 -10.05 -16.55 -17.39
C GLY A 178 -9.26 -15.46 -16.71
N GLY A 179 -9.42 -14.20 -17.12
CA GLY A 179 -8.70 -13.12 -16.46
C GLY A 179 -9.17 -12.85 -15.06
N LEU A 180 -10.47 -12.99 -14.79
CA LEU A 180 -10.99 -12.77 -13.45
C LEU A 180 -10.51 -13.84 -12.48
N ASP A 181 -10.32 -15.07 -12.97
CA ASP A 181 -9.82 -16.12 -12.09
C ASP A 181 -8.35 -15.91 -11.72
N ALA A 182 -7.58 -15.31 -12.63
CA ALA A 182 -6.14 -15.14 -12.38
C ALA A 182 -5.86 -14.03 -11.38
N VAL A 183 -6.65 -12.95 -11.42
CA VAL A 183 -6.45 -11.88 -10.44
C VAL A 183 -6.93 -12.32 -9.06
N LEU A 184 -7.98 -13.13 -8.99
CA LEU A 184 -8.43 -13.65 -7.69
C LEU A 184 -7.50 -14.74 -7.18
N PHE A 185 -6.89 -15.52 -8.09
CA PHE A 185 -5.93 -16.53 -7.67
C PHE A 185 -4.66 -15.89 -7.12
N GLU A 186 -4.31 -14.69 -7.59
CA GLU A 186 -3.15 -13.96 -7.10
C GLU A 186 -3.46 -13.11 -5.88
N CYS A 187 -4.70 -13.09 -5.41
CA CYS A 187 -5.03 -12.37 -4.19
C CYS A 187 -4.47 -13.04 -2.94
N ARG A 188 -4.05 -14.30 -3.03
CA ARG A 188 -3.47 -15.01 -1.92
C ARG A 188 -1.96 -14.78 -1.77
N THR A 189 -1.38 -13.94 -2.62
CA THR A 189 0.05 -13.71 -2.61
C THR A 189 0.46 -12.87 -1.41
N SER A 190 1.78 -12.84 -1.16
CA SER A 190 2.35 -11.97 -0.15
C SER A 190 3.07 -10.75 -0.73
N ASP A 191 3.42 -10.79 -2.02
CA ASP A 191 4.12 -9.67 -2.64
C ASP A 191 3.21 -8.45 -2.69
N LEU A 192 3.82 -7.27 -2.50
CA LEU A 192 3.05 -6.04 -2.48
C LEU A 192 2.69 -5.58 -3.90
N GLU A 193 3.65 -5.63 -4.82
CA GLU A 193 3.41 -5.15 -6.18
C GLU A 193 2.36 -6.00 -6.88
N THR A 194 2.25 -7.28 -6.55
CA THR A 194 1.23 -8.12 -7.16
C THR A 194 -0.15 -7.80 -6.60
N LEU A 195 -0.23 -7.54 -5.28
CA LEU A 195 -1.50 -7.15 -4.69
C LEU A 195 -1.95 -5.79 -5.20
N ARG A 196 -1.00 -4.84 -5.37
CA ARG A 196 -1.35 -3.54 -5.92
C ARG A 196 -1.91 -3.65 -7.32
N HIS A 197 -1.45 -4.63 -8.11
CA HIS A 197 -2.05 -4.88 -9.41
C HIS A 197 -3.41 -5.56 -9.27
N CYS A 198 -3.54 -6.46 -8.29
CA CYS A 198 -4.79 -7.19 -8.10
C CYS A 198 -5.88 -6.29 -7.53
N ALA A 199 -5.51 -5.37 -6.64
CA ALA A 199 -6.49 -4.43 -6.11
C ALA A 199 -6.93 -3.44 -7.19
N SER A 200 -5.98 -2.90 -7.96
CA SER A 200 -6.31 -1.95 -9.01
C SER A 200 -7.04 -2.61 -10.17
N ALA A 201 -6.87 -3.92 -10.36
CA ALA A 201 -7.62 -4.61 -11.41
C ALA A 201 -9.09 -4.74 -11.06
N LEU A 202 -9.39 -5.03 -9.79
CA LEU A 202 -10.78 -5.23 -9.38
C LEU A 202 -11.55 -3.93 -9.30
N ALA A 203 -10.85 -2.81 -9.04
CA ALA A 203 -11.53 -1.52 -9.06
C ALA A 203 -11.90 -1.11 -10.48
N ASN A 204 -11.03 -1.42 -11.44
CA ASN A 204 -11.32 -1.11 -12.84
C ASN A 204 -12.45 -1.99 -13.38
N LEU A 205 -12.48 -3.26 -12.98
CA LEU A 205 -13.55 -4.15 -13.41
C LEU A 205 -14.89 -3.74 -12.80
N SER A 206 -14.87 -3.20 -11.58
CA SER A 206 -16.11 -2.75 -10.96
C SER A 206 -16.73 -1.59 -11.73
N LEU A 207 -15.91 -0.75 -12.33
CA LEU A 207 -16.37 0.42 -13.07
C LEU A 207 -16.72 0.08 -14.52
N TYR A 208 -15.77 -0.51 -15.25
CA TYR A 208 -15.96 -0.83 -16.66
C TYR A 208 -16.81 -2.07 -16.89
N GLY A 209 -17.14 -2.82 -15.83
CA GLY A 209 -17.87 -4.06 -15.99
C GLY A 209 -19.31 -3.88 -16.41
N GLY A 210 -20.13 -3.32 -15.53
CA GLY A 210 -21.54 -3.13 -15.80
C GLY A 210 -22.42 -3.97 -14.89
N ALA A 211 -23.68 -4.10 -15.30
CA ALA A 211 -24.65 -4.83 -14.49
C ALA A 211 -24.34 -6.32 -14.47
N GLU A 212 -24.14 -6.91 -15.66
CA GLU A 212 -23.92 -8.35 -15.74
C GLU A 212 -22.54 -8.75 -15.21
N ASN A 213 -21.54 -7.89 -15.39
CA ASN A 213 -20.19 -8.25 -14.96
C ASN A 213 -20.01 -8.08 -13.45
N GLN A 214 -20.66 -7.08 -12.84
CA GLN A 214 -20.61 -6.97 -11.39
C GLN A 214 -21.37 -8.12 -10.73
N GLU A 215 -22.40 -8.63 -11.39
CA GLU A 215 -23.05 -9.85 -10.90
C GLU A 215 -22.09 -11.03 -10.95
N GLU A 216 -21.29 -11.13 -12.02
CA GLU A 216 -20.31 -12.21 -12.12
C GLU A 216 -19.26 -12.10 -11.02
N MET A 217 -18.90 -10.88 -10.64
CA MET A 217 -17.94 -10.70 -9.56
C MET A 217 -18.49 -11.17 -8.23
N ILE A 218 -19.80 -11.02 -8.01
CA ILE A 218 -20.41 -11.50 -6.77
C ILE A 218 -20.43 -13.02 -6.74
N LEU A 219 -20.62 -13.65 -7.90
CA LEU A 219 -20.58 -15.11 -7.96
C LEU A 219 -19.17 -15.64 -7.75
N ARG A 220 -18.17 -14.98 -8.35
CA ARG A 220 -16.78 -15.35 -8.14
C ARG A 220 -16.27 -15.00 -6.75
N LYS A 221 -17.14 -14.48 -5.89
CA LYS A 221 -16.77 -14.12 -4.51
C LYS A 221 -15.63 -13.10 -4.49
N VAL A 222 -15.77 -12.07 -5.32
CA VAL A 222 -14.77 -10.99 -5.34
C VAL A 222 -14.69 -10.27 -4.00
N PRO A 223 -15.79 -9.91 -3.33
CA PRO A 223 -15.66 -9.34 -1.98
C PRO A 223 -15.04 -10.29 -0.98
N MET A 224 -15.08 -11.59 -1.24
CA MET A 224 -14.45 -12.55 -0.32
C MET A 224 -12.93 -12.40 -0.34
N TRP A 225 -12.35 -12.12 -1.52
CA TRP A 225 -10.91 -11.91 -1.64
C TRP A 225 -10.53 -10.44 -1.63
N LEU A 226 -11.50 -9.52 -1.68
CA LEU A 226 -11.21 -8.12 -1.45
C LEU A 226 -11.10 -7.79 0.02
N PHE A 227 -11.63 -8.65 0.89
CA PHE A 227 -11.48 -8.47 2.34
C PHE A 227 -10.02 -8.52 2.78
N PRO A 228 -9.21 -9.52 2.39
CA PRO A 228 -7.80 -9.49 2.82
C PRO A 228 -7.03 -8.33 2.24
N LEU A 229 -7.42 -7.81 1.07
CA LEU A 229 -6.76 -6.64 0.51
C LEU A 229 -7.24 -5.35 1.16
N ALA A 230 -8.50 -5.30 1.59
CA ALA A 230 -9.04 -4.10 2.21
C ALA A 230 -8.38 -3.76 3.54
N PHE A 231 -7.79 -4.75 4.21
CA PHE A 231 -7.16 -4.55 5.51
C PHE A 231 -5.64 -4.51 5.45
N HIS A 232 -5.07 -4.44 4.25
CA HIS A 232 -3.62 -4.40 4.10
C HIS A 232 -3.07 -3.11 4.69
N ASN A 233 -1.96 -3.23 5.42
CA ASN A 233 -1.33 -2.06 6.02
C ASN A 233 -0.82 -1.09 4.97
N ASP A 234 -0.56 -1.57 3.76
CA ASP A 234 -0.17 -0.69 2.66
C ASP A 234 -1.35 0.18 2.26
N ASP A 235 -1.15 1.50 2.26
CA ASP A 235 -2.23 2.43 1.95
C ASP A 235 -2.68 2.31 0.50
N ASN A 236 -1.79 1.85 -0.38
CA ASN A 236 -2.17 1.65 -1.79
C ASN A 236 -3.15 0.49 -1.92
N ILE A 237 -2.82 -0.66 -1.32
CA ILE A 237 -3.67 -1.84 -1.45
C ILE A 237 -5.00 -1.62 -0.75
N LYS A 238 -4.98 -0.97 0.42
CA LYS A 238 -6.21 -0.73 1.15
C LYS A 238 -7.13 0.23 0.42
N TYR A 239 -6.57 1.20 -0.30
CA TYR A 239 -7.38 2.23 -0.94
C TYR A 239 -8.18 1.65 -2.10
N TYR A 240 -7.51 1.03 -3.07
CA TYR A 240 -8.20 0.52 -4.24
C TYR A 240 -9.05 -0.70 -3.94
N ALA A 241 -8.78 -1.42 -2.85
CA ALA A 241 -9.66 -2.52 -2.46
C ALA A 241 -11.00 -2.00 -1.97
N CYS A 242 -10.97 -0.97 -1.12
CA CYS A 242 -12.22 -0.36 -0.66
C CYS A 242 -12.94 0.36 -1.80
N LEU A 243 -12.18 0.95 -2.71
CA LEU A 243 -12.79 1.67 -3.84
C LEU A 243 -13.56 0.71 -4.74
N ALA A 244 -13.00 -0.49 -4.97
CA ALA A 244 -13.74 -1.51 -5.72
C ALA A 244 -15.03 -1.90 -5.01
N ILE A 245 -14.96 -2.02 -3.68
CA ILE A 245 -16.14 -2.39 -2.91
C ILE A 245 -17.15 -1.24 -2.89
N ALA A 246 -16.67 0.01 -2.92
CA ALA A 246 -17.56 1.16 -2.92
C ALA A 246 -18.33 1.26 -4.23
N VAL A 247 -17.70 0.91 -5.35
CA VAL A 247 -18.41 0.92 -6.62
C VAL A 247 -19.42 -0.22 -6.69
N LEU A 248 -19.18 -1.30 -5.94
CA LEU A 248 -20.06 -2.46 -6.01
C LEU A 248 -21.39 -2.23 -5.28
N VAL A 249 -21.40 -1.40 -4.23
CA VAL A 249 -22.66 -1.07 -3.58
C VAL A 249 -23.45 -0.01 -4.35
N ALA A 250 -22.86 0.57 -5.40
CA ALA A 250 -23.62 1.50 -6.23
C ALA A 250 -24.70 0.80 -7.04
N ASN A 251 -24.50 -0.48 -7.34
CA ASN A 251 -25.52 -1.28 -8.00
C ASN A 251 -26.53 -1.74 -6.96
N LYS A 252 -27.77 -1.28 -7.07
CA LYS A 252 -28.80 -1.57 -6.07
C LYS A 252 -29.26 -3.02 -6.08
N GLU A 253 -28.74 -3.85 -6.98
CA GLU A 253 -29.11 -5.26 -7.02
C GLU A 253 -28.18 -6.15 -6.21
N ILE A 254 -26.98 -5.67 -5.88
CA ILE A 254 -26.00 -6.45 -5.15
C ILE A 254 -25.59 -5.75 -3.85
N GLU A 255 -26.40 -4.81 -3.38
CA GLU A 255 -26.01 -3.99 -2.23
C GLU A 255 -25.92 -4.83 -0.95
N ALA A 256 -26.77 -5.84 -0.81
CA ALA A 256 -26.74 -6.65 0.41
C ALA A 256 -25.53 -7.59 0.43
N GLU A 257 -25.18 -8.15 -0.71
CA GLU A 257 -24.06 -9.09 -0.76
C GLU A 257 -22.74 -8.40 -0.50
N VAL A 258 -22.58 -7.18 -1.03
CA VAL A 258 -21.32 -6.45 -0.81
C VAL A 258 -21.22 -5.99 0.64
N LEU A 259 -22.35 -5.77 1.30
CA LEU A 259 -22.33 -5.37 2.71
C LEU A 259 -21.97 -6.52 3.63
N LYS A 260 -22.07 -7.77 3.17
CA LYS A 260 -21.78 -8.90 4.05
C LYS A 260 -20.30 -8.98 4.40
N SER A 261 -19.42 -8.48 3.54
CA SER A 261 -17.99 -8.54 3.83
C SER A 261 -17.64 -7.64 5.02
N GLY A 262 -18.27 -6.48 5.11
CA GLY A 262 -18.00 -5.58 6.22
C GLY A 262 -16.78 -4.69 6.04
N CYS A 263 -16.37 -4.44 4.80
CA CYS A 263 -15.21 -3.60 4.54
C CYS A 263 -15.56 -2.13 4.41
N LEU A 264 -16.85 -1.81 4.23
CA LEU A 264 -17.25 -0.41 4.09
C LEU A 264 -17.07 0.36 5.39
N ASP A 265 -17.14 -0.33 6.54
CA ASP A 265 -16.91 0.31 7.83
C ASP A 265 -15.45 0.73 8.03
N LEU A 266 -14.59 0.50 7.04
CA LEU A 266 -13.20 0.91 7.10
C LEU A 266 -12.92 2.18 6.32
N VAL A 267 -13.90 2.69 5.58
CA VAL A 267 -13.68 3.86 4.72
C VAL A 267 -13.51 5.12 5.56
N GLU A 268 -14.38 5.30 6.56
CA GLU A 268 -14.37 6.55 7.33
C GLU A 268 -13.07 6.76 8.11
N PRO A 269 -12.51 5.78 8.83
CA PRO A 269 -11.22 6.03 9.50
C PRO A 269 -10.09 6.33 8.53
N PHE A 270 -10.24 5.99 7.25
CA PHE A 270 -9.20 6.27 6.26
C PHE A 270 -9.26 7.71 5.77
N VAL A 271 -10.45 8.15 5.33
CA VAL A 271 -10.59 9.49 4.77
C VAL A 271 -10.40 10.58 5.83
N THR A 272 -10.61 10.26 7.10
CA THR A 272 -10.44 11.22 8.18
C THR A 272 -9.04 11.22 8.77
N SER A 273 -8.12 10.44 8.18
CA SER A 273 -6.74 10.38 8.68
C SER A 273 -5.71 10.39 7.56
N HIS A 274 -6.12 10.59 6.31
CA HIS A 274 -5.21 10.60 5.17
C HIS A 274 -5.30 11.96 4.47
N ASP A 275 -4.14 12.60 4.33
CA ASP A 275 -4.07 13.88 3.63
C ASP A 275 -4.32 13.67 2.15
N PRO A 276 -5.34 14.30 1.55
CA PRO A 276 -5.59 14.10 0.12
C PRO A 276 -4.43 14.57 -0.76
N SER A 277 -3.76 15.64 -0.38
CA SER A 277 -2.64 16.13 -1.18
C SER A 277 -1.44 15.19 -1.11
N ALA A 278 -1.18 14.64 0.07
CA ALA A 278 -0.04 13.75 0.24
C ALA A 278 -0.32 12.39 -0.40
N PHE A 279 -1.53 11.85 -0.20
CA PHE A 279 -1.87 10.58 -0.82
C PHE A 279 -2.08 10.72 -2.33
N ALA A 280 -2.23 11.95 -2.83
CA ALA A 280 -2.18 12.19 -4.26
C ALA A 280 -0.75 12.23 -4.78
N ARG A 281 0.23 12.41 -3.90
CA ARG A 281 1.63 12.38 -4.30
C ARG A 281 2.24 10.99 -4.19
N SER A 282 1.67 10.11 -3.36
CA SER A 282 2.13 8.73 -3.30
C SER A 282 1.45 7.88 -4.38
N ASN A 283 0.23 8.23 -4.76
CA ASN A 283 -0.52 7.51 -5.78
C ASN A 283 -1.04 8.51 -6.81
N LEU A 284 -1.07 8.08 -8.07
CA LEU A 284 -1.54 8.89 -9.21
C LEU A 284 -0.93 10.30 -9.22
N ALA A 285 0.30 10.42 -8.73
CA ALA A 285 1.12 11.60 -8.95
C ALA A 285 2.06 11.43 -10.14
N HIS A 286 2.72 10.28 -10.21
CA HIS A 286 3.56 9.94 -11.36
C HIS A 286 2.76 10.06 -12.65
N ALA A 287 1.63 9.35 -12.73
CA ALA A 287 0.69 9.55 -13.82
C ALA A 287 -0.24 10.71 -13.47
N HIS A 288 -0.72 11.39 -14.51
CA HIS A 288 -1.59 12.56 -14.34
C HIS A 288 -3.01 12.08 -14.05
N GLY A 289 -3.17 11.51 -12.85
CA GLY A 289 -4.45 11.04 -12.37
C GLY A 289 -5.02 9.91 -13.20
N GLN A 290 -6.32 9.70 -13.03
CA GLN A 290 -7.07 8.69 -13.76
C GLN A 290 -7.64 9.29 -15.05
N SER A 291 -7.90 8.40 -16.01
CA SER A 291 -8.44 8.83 -17.29
C SER A 291 -9.86 9.40 -17.12
N LYS A 292 -10.26 10.22 -18.09
CA LYS A 292 -11.59 10.82 -18.03
C LYS A 292 -12.68 9.78 -18.15
N HIS A 293 -12.46 8.73 -18.95
CA HIS A 293 -13.41 7.63 -19.01
C HIS A 293 -13.41 6.82 -17.73
N TRP A 294 -12.33 6.87 -16.95
CA TRP A 294 -12.29 6.21 -15.65
C TRP A 294 -13.06 6.99 -14.60
N LEU A 295 -12.89 8.32 -14.59
CA LEU A 295 -13.61 9.14 -13.64
C LEU A 295 -15.09 9.24 -13.99
N LYS A 296 -15.43 9.16 -15.28
CA LYS A 296 -16.84 9.15 -15.67
C LYS A 296 -17.57 7.95 -15.09
N ARG A 297 -16.89 6.80 -15.04
CA ARG A 297 -17.49 5.61 -14.44
C ARG A 297 -17.66 5.76 -12.93
N LEU A 298 -16.90 6.65 -12.29
CA LEU A 298 -16.96 6.84 -10.85
C LEU A 298 -17.99 7.88 -10.42
N VAL A 299 -18.43 8.73 -11.35
CA VAL A 299 -19.42 9.78 -11.00
C VAL A 299 -20.67 9.21 -10.33
N PRO A 300 -21.28 8.12 -10.82
CA PRO A 300 -22.50 7.62 -10.15
C PRO A 300 -22.29 7.10 -8.74
N VAL A 301 -21.04 6.94 -8.29
CA VAL A 301 -20.81 6.54 -6.91
C VAL A 301 -21.08 7.70 -5.97
N LEU A 302 -20.95 8.94 -6.46
CA LEU A 302 -21.22 10.11 -5.63
C LEU A 302 -22.68 10.17 -5.22
N SER A 303 -23.58 9.58 -5.99
CA SER A 303 -24.99 9.53 -5.64
C SER A 303 -25.41 8.11 -5.28
N SER A 304 -24.75 7.53 -4.29
CA SER A 304 -25.02 6.17 -3.86
C SER A 304 -25.84 6.17 -2.57
N ASN A 305 -26.36 4.99 -2.23
CA ASN A 305 -27.18 4.87 -1.02
C ASN A 305 -26.33 4.93 0.24
N ARG A 306 -25.10 4.43 0.19
CA ARG A 306 -24.25 4.35 1.37
C ARG A 306 -23.37 5.58 1.51
N GLU A 307 -23.27 6.07 2.75
CA GLU A 307 -22.41 7.22 3.02
C GLU A 307 -20.94 6.87 2.83
N GLU A 308 -20.55 5.65 3.18
CA GLU A 308 -19.16 5.24 3.03
C GLU A 308 -18.72 5.27 1.57
N ALA A 309 -19.64 5.00 0.64
CA ALA A 309 -19.30 5.07 -0.77
C ALA A 309 -19.13 6.52 -1.22
N ARG A 310 -20.01 7.42 -0.77
CA ARG A 310 -19.86 8.83 -1.09
C ARG A 310 -18.63 9.43 -0.42
N ASN A 311 -18.30 8.97 0.78
CA ASN A 311 -17.12 9.48 1.47
C ASN A 311 -15.84 9.17 0.72
N LEU A 312 -15.79 8.03 0.03
CA LEU A 312 -14.60 7.63 -0.72
C LEU A 312 -14.63 8.15 -2.15
N ALA A 313 -15.81 8.20 -2.77
CA ALA A 313 -15.91 8.74 -4.12
C ALA A 313 -15.57 10.21 -4.15
N ALA A 314 -16.11 10.99 -3.19
CA ALA A 314 -15.74 12.39 -3.08
C ALA A 314 -14.29 12.55 -2.65
N PHE A 315 -13.77 11.59 -1.87
CA PHE A 315 -12.36 11.63 -1.50
C PHE A 315 -11.45 11.46 -2.71
N HIS A 316 -11.93 10.78 -3.75
CA HIS A 316 -11.13 10.60 -4.94
C HIS A 316 -11.19 11.83 -5.84
N PHE A 317 -12.39 12.42 -5.99
CA PHE A 317 -12.52 13.61 -6.83
C PHE A 317 -11.81 14.81 -6.22
N CYS A 318 -11.78 14.90 -4.89
CA CYS A 318 -10.96 15.93 -4.25
C CYS A 318 -9.48 15.65 -4.45
N MET A 319 -9.13 14.39 -4.67
CA MET A 319 -7.74 14.02 -4.95
C MET A 319 -7.40 14.28 -6.42
N GLU A 320 -8.35 14.05 -7.33
CA GLU A 320 -8.16 14.31 -8.75
C GLU A 320 -8.17 15.79 -9.10
N ALA A 321 -8.82 16.63 -8.28
CA ALA A 321 -8.93 18.04 -8.60
C ALA A 321 -7.57 18.72 -8.60
N GLY A 322 -6.77 18.49 -7.55
CA GLY A 322 -5.43 19.05 -7.52
C GLY A 322 -4.51 18.49 -8.58
N ILE A 323 -4.68 17.21 -8.91
CA ILE A 323 -3.89 16.61 -9.98
C ILE A 323 -4.25 17.23 -11.33
N LYS A 324 -5.54 17.43 -11.58
CA LYS A 324 -5.96 18.06 -12.83
C LYS A 324 -5.62 19.55 -12.85
N ARG A 325 -5.68 20.22 -11.69
CA ARG A 325 -5.39 21.64 -11.65
C ARG A 325 -3.92 21.93 -11.92
N GLU A 326 -3.03 21.03 -11.51
CA GLU A 326 -1.60 21.23 -11.77
C GLU A 326 -1.31 21.30 -13.26
N GLN A 327 -1.96 20.46 -14.06
CA GLN A 327 -1.72 20.41 -15.49
C GLN A 327 -2.61 21.36 -16.29
N GLY A 328 -3.64 21.91 -15.67
CA GLY A 328 -4.55 22.82 -16.37
C GLY A 328 -5.63 22.14 -17.16
N ASN A 329 -6.05 20.94 -16.76
CA ASN A 329 -7.13 20.23 -17.45
C ASN A 329 -8.27 19.96 -16.48
N THR A 330 -8.81 21.01 -15.87
CA THR A 330 -9.94 20.87 -14.97
C THR A 330 -11.26 20.76 -15.70
N ASP A 331 -11.30 21.11 -17.00
CA ASP A 331 -12.50 20.96 -17.79
C ASP A 331 -12.92 19.51 -17.97
N ILE A 332 -12.10 18.56 -17.51
CA ILE A 332 -12.44 17.14 -17.60
C ILE A 332 -13.71 16.86 -16.80
N PHE A 333 -13.83 17.47 -15.61
CA PHE A 333 -14.97 17.20 -14.75
C PHE A 333 -16.28 17.70 -15.36
N ARG A 334 -16.23 18.80 -16.12
CA ARG A 334 -17.41 19.27 -16.82
C ARG A 334 -17.78 18.39 -18.01
N GLU A 335 -16.81 17.67 -18.57
CA GLU A 335 -17.08 16.77 -19.69
C GLU A 335 -17.69 15.45 -19.27
N ILE A 336 -17.63 15.11 -17.97
CA ILE A 336 -18.13 13.83 -17.47
C ILE A 336 -19.33 14.02 -16.55
N ASN A 337 -19.93 15.22 -16.53
CA ASN A 337 -21.07 15.52 -15.66
C ASN A 337 -20.76 15.25 -14.19
N ALA A 338 -19.51 15.50 -13.80
CA ALA A 338 -19.11 15.36 -12.41
C ALA A 338 -19.40 16.60 -11.58
N ILE A 339 -19.62 17.75 -12.22
CA ILE A 339 -19.93 18.97 -11.47
C ILE A 339 -21.32 18.89 -10.87
N GLU A 340 -22.28 18.32 -11.59
CA GLU A 340 -23.63 18.19 -11.07
C GLU A 340 -23.66 17.32 -9.81
N ALA A 341 -22.90 16.22 -9.81
CA ALA A 341 -22.88 15.34 -8.64
C ALA A 341 -22.13 15.98 -7.48
N LEU A 342 -21.00 16.62 -7.74
CA LEU A 342 -20.21 17.23 -6.67
C LEU A 342 -20.97 18.35 -5.98
N LYS A 343 -21.88 19.02 -6.68
CA LYS A 343 -22.66 20.08 -6.06
C LYS A 343 -23.73 19.51 -5.13
N ASN A 344 -24.36 18.40 -5.52
CA ASN A 344 -25.33 17.75 -4.64
C ASN A 344 -24.66 17.19 -3.39
N VAL A 345 -23.38 16.82 -3.50
CA VAL A 345 -22.66 16.28 -2.36
C VAL A 345 -22.08 17.38 -1.47
N ALA A 346 -21.71 18.52 -2.04
CA ALA A 346 -21.21 19.64 -1.25
C ALA A 346 -22.28 20.26 -0.37
N SER A 347 -23.55 19.88 -0.54
CA SER A 347 -24.64 20.42 0.27
C SER A 347 -25.25 19.42 1.24
N CYS A 348 -24.99 18.12 1.06
CA CYS A 348 -25.60 17.12 1.93
C CYS A 348 -25.10 17.29 3.36
N PRO A 349 -25.91 16.90 4.35
CA PRO A 349 -25.49 17.09 5.75
C PRO A 349 -24.25 16.31 6.13
N ASN A 350 -23.87 15.28 5.38
CA ASN A 350 -22.67 14.51 5.66
C ASN A 350 -21.43 15.38 5.54
N ALA A 351 -20.82 15.73 6.68
CA ALA A 351 -19.70 16.66 6.67
C ALA A 351 -18.46 16.08 5.99
N ILE A 352 -18.29 14.76 6.04
CA ILE A 352 -17.12 14.13 5.43
C ILE A 352 -17.14 14.34 3.93
N ALA A 353 -18.20 13.90 3.27
CA ALA A 353 -18.34 14.12 1.83
C ALA A 353 -18.61 15.57 1.49
N SER A 354 -19.02 16.38 2.47
CA SER A 354 -19.25 17.80 2.22
C SER A 354 -17.94 18.53 1.94
N LYS A 355 -16.95 18.35 2.81
CA LYS A 355 -15.69 19.09 2.65
C LYS A 355 -14.88 18.55 1.48
N PHE A 356 -15.01 17.26 1.16
CA PHE A 356 -14.25 16.71 0.03
C PHE A 356 -14.84 17.17 -1.30
N ALA A 357 -16.16 17.21 -1.42
CA ALA A 357 -16.78 17.71 -2.64
C ALA A 357 -16.68 19.22 -2.76
N ALA A 358 -16.48 19.93 -1.64
CA ALA A 358 -16.34 21.38 -1.70
C ALA A 358 -14.95 21.79 -2.19
N GLN A 359 -13.90 21.23 -1.58
CA GLN A 359 -12.54 21.56 -1.99
C GLN A 359 -12.28 21.12 -3.43
N ALA A 360 -12.92 20.04 -3.88
CA ALA A 360 -12.79 19.62 -5.26
C ALA A 360 -13.33 20.69 -6.21
N LEU A 361 -14.52 21.20 -5.92
CA LEU A 361 -15.13 22.22 -6.78
C LEU A 361 -14.32 23.51 -6.76
N ARG A 362 -13.75 23.87 -5.60
CA ARG A 362 -12.93 25.06 -5.53
C ARG A 362 -11.65 24.92 -6.35
N LEU A 363 -11.17 23.69 -6.53
CA LEU A 363 -9.99 23.41 -7.33
C LEU A 363 -10.31 23.24 -8.81
N ILE A 364 -11.58 23.28 -9.19
CA ILE A 364 -12.01 23.20 -10.59
C ILE A 364 -12.44 24.56 -11.12
N GLY A 365 -13.36 25.22 -10.41
CA GLY A 365 -13.86 26.52 -10.82
C GLY A 365 -15.06 26.98 -10.01
N LYS B 28 -21.87 -44.87 -8.63
CA LYS B 28 -21.85 -45.91 -9.63
C LYS B 28 -20.47 -46.56 -9.72
N TYR B 29 -19.41 -45.75 -9.71
CA TYR B 29 -18.06 -46.28 -9.70
C TYR B 29 -17.68 -46.84 -8.33
N SER B 30 -18.26 -46.28 -7.26
CA SER B 30 -18.10 -46.89 -5.94
C SER B 30 -18.79 -48.24 -5.87
N ASN B 31 -19.82 -48.45 -6.69
CA ASN B 31 -20.48 -49.74 -6.76
C ASN B 31 -19.58 -50.78 -7.42
N MET B 32 -18.88 -50.38 -8.49
CA MET B 32 -18.03 -51.32 -9.22
C MET B 32 -16.78 -51.67 -8.43
N LEU B 33 -16.29 -50.76 -7.59
CA LEU B 33 -15.09 -51.03 -6.79
C LEU B 33 -15.34 -52.16 -5.80
N THR B 34 -16.47 -52.12 -5.11
CA THR B 34 -16.79 -53.12 -4.09
C THR B 34 -17.23 -54.44 -4.68
N SER B 35 -17.52 -54.50 -5.98
CA SER B 35 -17.81 -55.78 -6.61
C SER B 35 -16.52 -56.57 -6.82
N ILE B 36 -15.43 -55.89 -7.17
CA ILE B 36 -14.15 -56.57 -7.42
C ILE B 36 -13.72 -57.36 -6.20
N VAL B 37 -13.88 -56.80 -5.00
CA VAL B 37 -13.51 -57.51 -3.79
C VAL B 37 -14.56 -58.54 -3.37
N SER B 38 -15.79 -58.42 -3.88
CA SER B 38 -16.82 -59.38 -3.52
C SER B 38 -16.51 -60.77 -4.07
N SER B 39 -16.03 -60.84 -5.31
CA SER B 39 -15.60 -62.11 -5.89
C SER B 39 -14.22 -62.53 -5.39
N LEU B 40 -13.42 -61.59 -4.88
CA LEU B 40 -12.09 -61.88 -4.37
C LEU B 40 -12.11 -62.34 -2.91
N GLN B 41 -13.30 -62.55 -2.34
CA GLN B 41 -13.36 -63.07 -0.97
C GLN B 41 -12.94 -64.54 -0.92
N GLU B 42 -13.17 -65.28 -1.99
CA GLU B 42 -12.77 -66.68 -2.07
C GLU B 42 -11.28 -66.81 -2.39
N ILE B 66 -4.32 -61.67 -11.60
CA ILE B 66 -5.30 -60.92 -10.82
C ILE B 66 -5.14 -59.42 -11.06
N ASN B 67 -5.98 -58.87 -11.94
CA ASN B 67 -5.94 -57.45 -12.22
C ASN B 67 -6.39 -56.64 -11.02
N GLU B 68 -6.06 -55.35 -11.05
CA GLU B 68 -6.43 -54.46 -9.95
C GLU B 68 -7.25 -53.28 -10.44
N VAL B 69 -7.24 -52.18 -9.68
CA VAL B 69 -8.11 -51.03 -9.92
C VAL B 69 -7.25 -49.89 -10.43
N ILE B 70 -7.37 -49.56 -11.71
CA ILE B 70 -6.72 -48.39 -12.25
C ILE B 70 -7.34 -47.14 -11.65
N ARG B 71 -6.51 -46.28 -11.09
CA ARG B 71 -6.98 -45.10 -10.36
C ARG B 71 -6.82 -43.87 -11.23
N ARG B 72 -7.95 -43.28 -11.60
CA ARG B 72 -7.99 -42.01 -12.32
C ARG B 72 -8.88 -40.98 -11.63
N ALA B 73 -9.42 -41.31 -10.46
CA ALA B 73 -10.33 -40.39 -9.79
C ALA B 73 -9.61 -39.20 -9.19
N TRP B 74 -8.33 -39.36 -8.81
CA TRP B 74 -7.59 -38.25 -8.24
C TRP B 74 -7.26 -37.19 -9.28
N ALA B 75 -6.92 -37.64 -10.49
CA ALA B 75 -6.61 -36.74 -11.61
C ALA B 75 -5.52 -35.73 -11.24
N THR B 78 -8.49 -31.86 -12.32
CA THR B 78 -9.88 -31.63 -11.93
C THR B 78 -9.98 -31.37 -10.42
N HIS B 79 -11.10 -31.76 -9.82
CA HIS B 79 -11.32 -31.63 -8.40
C HIS B 79 -11.69 -32.98 -7.78
N GLY B 80 -10.95 -34.02 -8.13
CA GLY B 80 -11.30 -35.36 -7.68
C GLY B 80 -10.81 -35.66 -6.28
N HIS B 81 -10.36 -34.64 -5.56
CA HIS B 81 -9.94 -34.83 -4.18
C HIS B 81 -11.11 -35.27 -3.31
N GLU B 82 -12.31 -34.76 -3.59
CA GLU B 82 -13.50 -35.17 -2.85
C GLU B 82 -14.04 -36.52 -3.32
N LEU B 83 -13.61 -37.01 -4.49
CA LEU B 83 -14.07 -38.29 -5.01
C LEU B 83 -13.24 -39.45 -4.46
N GLY B 84 -11.92 -39.37 -4.58
CA GLY B 84 -11.08 -40.47 -4.12
C GLY B 84 -11.21 -40.73 -2.64
N TYR B 85 -11.49 -39.69 -1.85
CA TYR B 85 -11.63 -39.86 -0.40
C TYR B 85 -12.80 -40.79 -0.08
N SER B 86 -13.98 -40.50 -0.63
CA SER B 86 -15.11 -41.40 -0.42
C SER B 86 -14.92 -42.72 -1.15
N LEU B 87 -14.16 -42.71 -2.25
CA LEU B 87 -13.92 -43.95 -2.99
C LEU B 87 -12.92 -44.84 -2.24
N CYS B 88 -11.90 -44.23 -1.62
CA CYS B 88 -11.02 -45.00 -0.76
C CYS B 88 -11.72 -45.40 0.53
N ASN B 89 -12.66 -44.58 1.01
CA ASN B 89 -13.46 -44.96 2.17
C ASN B 89 -14.38 -46.13 1.84
N SER B 90 -14.94 -46.14 0.62
CA SER B 90 -15.75 -47.27 0.19
C SER B 90 -14.92 -48.53 -0.03
N LEU B 91 -13.59 -48.42 -0.02
CA LEU B 91 -12.71 -49.58 -0.12
C LEU B 91 -12.47 -50.24 1.23
N ARG B 92 -12.20 -49.44 2.27
CA ARG B 92 -11.97 -50.02 3.60
C ARG B 92 -13.27 -50.52 4.22
N GLN B 93 -14.40 -49.87 3.91
CA GLN B 93 -15.68 -50.31 4.46
C GLN B 93 -16.18 -51.58 3.79
N SER B 94 -15.70 -51.88 2.60
CA SER B 94 -16.03 -53.12 1.90
C SER B 94 -15.05 -54.25 2.23
N GLY B 95 -14.19 -54.05 3.23
CA GLY B 95 -13.20 -55.05 3.58
C GLY B 95 -12.02 -55.13 2.64
N GLY B 96 -11.93 -54.24 1.65
CA GLY B 96 -10.83 -54.29 0.71
C GLY B 96 -9.50 -53.91 1.34
N LEU B 97 -9.51 -52.92 2.24
CA LEU B 97 -8.28 -52.51 2.89
C LEU B 97 -7.70 -53.65 3.74
N ASP B 98 -8.56 -54.38 4.44
CA ASP B 98 -8.10 -55.56 5.17
C ASP B 98 -7.62 -56.64 4.23
N LEU B 99 -8.18 -56.71 3.03
CA LEU B 99 -7.73 -57.71 2.05
C LEU B 99 -6.39 -57.34 1.46
N LEU B 100 -6.11 -56.04 1.29
CA LEU B 100 -4.81 -55.62 0.75
C LEU B 100 -3.69 -55.86 1.76
N MET B 101 -3.98 -55.66 3.05
CA MET B 101 -2.96 -55.92 4.06
C MET B 101 -2.64 -57.41 4.16
N LYS B 102 -3.63 -58.28 3.92
CA LYS B 102 -3.35 -59.71 3.97
C LYS B 102 -2.55 -60.15 2.75
N ASN B 103 -2.87 -59.61 1.58
CA ASN B 103 -2.27 -60.05 0.33
C ASN B 103 -0.99 -59.30 -0.02
N CYS B 104 -0.57 -58.32 0.80
CA CYS B 104 0.71 -57.66 0.58
C CYS B 104 1.89 -58.49 1.08
N VAL B 105 1.64 -59.69 1.59
CA VAL B 105 2.71 -60.60 1.97
C VAL B 105 2.89 -61.73 0.96
N LYS B 106 1.90 -61.99 0.11
CA LYS B 106 2.06 -62.97 -0.95
C LYS B 106 2.98 -62.41 -2.03
N PRO B 107 3.88 -63.23 -2.59
CA PRO B 107 4.90 -62.70 -3.50
C PRO B 107 4.36 -62.12 -4.79
N ASP B 108 3.44 -62.84 -5.44
CA ASP B 108 2.92 -62.40 -6.73
C ASP B 108 1.95 -61.24 -6.61
N LEU B 109 1.57 -60.84 -5.39
CA LEU B 109 0.59 -59.77 -5.20
C LEU B 109 1.13 -58.65 -4.33
N GLN B 110 2.45 -58.57 -4.15
CA GLN B 110 3.01 -57.54 -3.27
C GLN B 110 2.92 -56.16 -3.90
N PHE B 111 3.44 -56.00 -5.12
CA PHE B 111 3.41 -54.68 -5.76
C PHE B 111 1.99 -54.29 -6.16
N SER B 112 1.19 -55.25 -6.61
CA SER B 112 -0.19 -54.94 -6.99
C SER B 112 -0.99 -54.43 -5.81
N SER B 113 -0.72 -54.94 -4.60
CA SER B 113 -1.40 -54.44 -3.42
C SER B 113 -0.77 -53.16 -2.89
N ALA B 114 0.56 -53.05 -2.99
CA ALA B 114 1.24 -51.86 -2.47
C ALA B 114 0.95 -50.63 -3.31
N GLN B 115 0.77 -50.79 -4.62
CA GLN B 115 0.46 -49.65 -5.48
C GLN B 115 -0.92 -49.09 -5.16
N LEU B 116 -1.92 -49.96 -5.06
CA LEU B 116 -3.26 -49.53 -4.67
C LEU B 116 -3.30 -49.05 -3.22
N LEU B 117 -2.34 -49.47 -2.40
CA LEU B 117 -2.32 -49.07 -1.00
C LEU B 117 -1.75 -47.67 -0.80
N GLU B 118 -0.83 -47.24 -1.67
CA GLU B 118 -0.28 -45.90 -1.56
C GLU B 118 -1.31 -44.85 -1.99
N GLN B 119 -2.10 -45.15 -3.01
CA GLN B 119 -3.12 -44.22 -3.47
C GLN B 119 -4.24 -44.07 -2.44
N CYS B 120 -4.73 -45.19 -1.93
CA CYS B 120 -5.79 -45.18 -0.92
C CYS B 120 -5.21 -45.39 0.48
N LEU B 121 -4.39 -44.42 0.91
CA LEU B 121 -3.87 -44.41 2.26
C LEU B 121 -4.28 -43.10 2.92
N THR B 122 -5.58 -42.81 2.93
CA THR B 122 -6.10 -41.56 3.44
C THR B 122 -6.01 -41.54 4.97
N THR B 123 -6.59 -40.51 5.58
CA THR B 123 -6.54 -40.38 7.04
C THR B 123 -7.30 -41.51 7.71
N GLU B 124 -8.46 -41.89 7.17
CA GLU B 124 -9.22 -42.99 7.74
C GLU B 124 -8.53 -44.33 7.46
N ASN B 125 -7.90 -44.47 6.30
CA ASN B 125 -7.21 -45.71 5.98
C ASN B 125 -5.94 -45.88 6.79
N ARG B 126 -5.18 -44.79 6.96
CA ARG B 126 -3.94 -44.87 7.74
C ARG B 126 -4.22 -45.24 9.19
N LYS B 127 -5.33 -44.73 9.75
CA LYS B 127 -5.73 -45.14 11.08
C LYS B 127 -6.08 -46.62 11.12
N HIS B 128 -6.69 -47.14 10.04
CA HIS B 128 -7.04 -48.55 9.99
C HIS B 128 -5.84 -49.43 9.67
N VAL B 129 -4.85 -48.89 8.95
CA VAL B 129 -3.66 -49.66 8.62
C VAL B 129 -2.82 -49.90 9.87
N VAL B 130 -2.68 -48.88 10.71
CA VAL B 130 -1.85 -49.01 11.91
C VAL B 130 -2.48 -49.98 12.90
N ASP B 131 -3.80 -49.92 13.06
CA ASP B 131 -4.46 -50.73 14.08
C ASP B 131 -4.44 -52.22 13.74
N ASN B 132 -4.39 -52.57 12.45
CA ASN B 132 -4.41 -53.97 12.06
C ASN B 132 -3.02 -54.46 11.65
N GLY B 133 -2.58 -54.08 10.45
CA GLY B 133 -1.32 -54.58 9.93
C GLY B 133 -0.32 -53.51 9.56
N LEU B 134 0.21 -52.80 10.56
CA LEU B 134 1.23 -51.79 10.29
C LEU B 134 2.52 -52.43 9.82
N ASP B 135 2.91 -53.55 10.42
CA ASP B 135 4.16 -54.21 10.06
C ASP B 135 4.11 -54.73 8.63
N LYS B 136 2.96 -55.23 8.20
CA LYS B 136 2.83 -55.72 6.84
C LYS B 136 2.99 -54.60 5.83
N VAL B 137 2.45 -53.41 6.14
CA VAL B 137 2.49 -52.30 5.20
C VAL B 137 3.87 -51.63 5.19
N VAL B 138 4.51 -51.55 6.36
CA VAL B 138 5.85 -50.96 6.41
C VAL B 138 6.86 -51.89 5.75
N ASN B 139 6.68 -53.20 5.90
CA ASN B 139 7.61 -54.14 5.28
C ASN B 139 7.45 -54.17 3.77
N VAL B 140 6.21 -54.23 3.28
CA VAL B 140 5.97 -54.24 1.84
C VAL B 140 6.40 -52.92 1.20
N ALA B 141 6.48 -51.84 1.98
CA ALA B 141 7.01 -50.59 1.46
C ALA B 141 8.54 -50.60 1.42
N CYS B 142 9.18 -51.35 2.31
CA CYS B 142 10.63 -51.45 2.29
C CYS B 142 11.11 -52.33 1.14
N VAL B 143 10.41 -53.43 0.88
CA VAL B 143 10.80 -54.32 -0.21
C VAL B 143 10.61 -53.64 -1.56
N CYS B 144 9.61 -52.75 -1.66
CA CYS B 144 9.42 -52.01 -2.90
C CYS B 144 10.55 -51.04 -3.16
N THR B 145 11.17 -50.50 -2.10
CA THR B 145 12.32 -49.63 -2.29
C THR B 145 13.56 -50.42 -2.69
N LYS B 146 13.68 -51.65 -2.21
CA LYS B 146 14.82 -52.49 -2.57
C LYS B 146 14.82 -52.91 -4.03
N ASN B 147 13.72 -52.69 -4.74
CA ASN B 147 13.59 -53.12 -6.14
C ASN B 147 14.08 -52.02 -7.07
N SER B 148 14.70 -52.43 -8.18
CA SER B 148 15.30 -51.48 -9.11
C SER B 148 14.26 -50.74 -9.94
N ASN B 149 13.03 -51.24 -10.02
CA ASN B 149 12.01 -50.61 -10.85
C ASN B 149 11.62 -49.25 -10.28
N MET B 150 11.36 -48.30 -11.17
CA MET B 150 10.93 -46.98 -10.73
C MET B 150 9.57 -47.04 -10.05
N GLU B 151 8.62 -47.80 -10.63
CA GLU B 151 7.30 -47.93 -10.03
C GLU B 151 7.39 -48.45 -8.60
N HIS B 152 8.22 -49.47 -8.37
CA HIS B 152 8.37 -50.00 -7.03
C HIS B 152 9.00 -48.97 -6.09
N SER B 153 9.97 -48.19 -6.59
CA SER B 153 10.65 -47.22 -5.75
C SER B 153 9.75 -46.04 -5.42
N ARG B 154 8.91 -45.62 -6.38
CA ARG B 154 7.97 -44.54 -6.11
C ARG B 154 6.88 -44.99 -5.14
N VAL B 155 6.30 -46.17 -5.38
CA VAL B 155 5.22 -46.67 -4.53
C VAL B 155 5.72 -46.88 -3.11
N GLY B 156 6.90 -47.47 -2.94
CA GLY B 156 7.41 -47.74 -1.61
C GLY B 156 7.65 -46.48 -0.81
N THR B 157 8.18 -45.43 -1.44
CA THR B 157 8.42 -44.18 -0.74
C THR B 157 7.13 -43.40 -0.51
N GLY B 158 6.13 -43.59 -1.37
CA GLY B 158 4.84 -42.94 -1.15
C GLY B 158 4.08 -43.53 0.02
N ILE B 159 4.28 -44.83 0.28
CA ILE B 159 3.63 -45.46 1.43
C ILE B 159 4.26 -44.97 2.72
N LEU B 160 5.60 -44.99 2.79
CA LEU B 160 6.29 -44.56 3.99
C LEU B 160 6.07 -43.08 4.29
N GLU B 161 5.89 -42.27 3.24
CA GLU B 161 5.61 -40.85 3.46
C GLU B 161 4.28 -40.66 4.18
N HIS B 162 3.24 -41.36 3.72
CA HIS B 162 1.93 -41.22 4.34
C HIS B 162 1.92 -41.77 5.76
N LEU B 163 2.66 -42.85 6.01
CA LEU B 163 2.70 -43.44 7.34
C LEU B 163 3.48 -42.60 8.35
N PHE B 164 4.21 -41.59 7.89
CA PHE B 164 4.90 -40.67 8.78
C PHE B 164 4.03 -39.49 9.20
N LYS B 165 2.75 -39.48 8.81
CA LYS B 165 1.82 -38.41 9.14
C LYS B 165 0.75 -38.88 10.11
N HIS B 166 1.12 -39.74 11.06
CA HIS B 166 0.13 -40.28 12.00
C HIS B 166 0.38 -39.80 13.42
N SER B 167 1.32 -40.43 14.11
CA SER B 167 1.59 -40.10 15.51
C SER B 167 3.07 -40.27 15.80
N GLU B 168 3.46 -39.84 17.00
CA GLU B 168 4.85 -40.03 17.43
C GLU B 168 5.14 -41.51 17.66
N GLY B 169 4.18 -42.25 18.20
CA GLY B 169 4.36 -43.68 18.35
C GLY B 169 4.43 -44.42 17.03
N THR B 170 3.69 -43.96 16.03
CA THR B 170 3.75 -44.57 14.71
C THR B 170 5.09 -44.31 14.04
N CYS B 171 5.60 -43.08 14.16
CA CYS B 171 6.92 -42.77 13.58
C CYS B 171 8.01 -43.59 14.25
N SER B 172 7.89 -43.84 15.55
CA SER B 172 8.85 -44.70 16.23
C SER B 172 8.73 -46.14 15.74
N ASP B 173 7.50 -46.61 15.49
CA ASP B 173 7.30 -47.98 15.05
C ASP B 173 7.80 -48.19 13.63
N VAL B 174 7.57 -47.21 12.75
CA VAL B 174 8.06 -47.33 11.37
C VAL B 174 9.58 -47.30 11.35
N ILE B 175 10.20 -46.42 12.16
CA ILE B 175 11.66 -46.43 12.30
C ILE B 175 12.11 -47.77 12.86
N ARG B 176 11.38 -48.29 13.85
CA ARG B 176 11.70 -49.60 14.41
C ARG B 176 11.61 -50.70 13.34
N LEU B 177 10.63 -50.58 12.44
CA LEU B 177 10.50 -51.51 11.32
C LEU B 177 11.37 -51.13 10.14
N GLY B 178 12.37 -50.28 10.35
CA GLY B 178 13.29 -49.92 9.28
C GLY B 178 12.71 -49.05 8.20
N GLY B 179 11.57 -48.41 8.46
CA GLY B 179 10.98 -47.54 7.44
C GLY B 179 11.84 -46.33 7.15
N LEU B 180 12.51 -45.78 8.18
CA LEU B 180 13.43 -44.67 7.96
C LEU B 180 14.65 -45.10 7.17
N ASP B 181 15.08 -46.36 7.32
CA ASP B 181 16.22 -46.85 6.56
C ASP B 181 15.94 -46.85 5.07
N ALA B 182 14.71 -47.24 4.68
CA ALA B 182 14.38 -47.25 3.26
C ALA B 182 14.20 -45.85 2.70
N VAL B 183 13.78 -44.89 3.54
CA VAL B 183 13.64 -43.51 3.08
C VAL B 183 15.01 -42.91 2.81
N LEU B 184 15.96 -43.11 3.72
CA LEU B 184 17.31 -42.62 3.50
C LEU B 184 18.05 -43.42 2.43
N PHE B 185 17.67 -44.69 2.25
CA PHE B 185 18.25 -45.47 1.17
C PHE B 185 17.85 -44.92 -0.19
N GLU B 186 16.60 -44.47 -0.32
CA GLU B 186 16.12 -43.87 -1.56
C GLU B 186 16.45 -42.40 -1.67
N CYS B 187 17.08 -41.79 -0.66
CA CYS B 187 17.51 -40.41 -0.76
C CYS B 187 18.71 -40.22 -1.67
N ARG B 188 19.23 -41.31 -2.25
CA ARG B 188 20.38 -41.24 -3.15
C ARG B 188 19.99 -41.49 -4.61
N THR B 189 18.70 -41.64 -4.89
CA THR B 189 18.25 -41.93 -6.25
C THR B 189 18.30 -40.67 -7.11
N SER B 190 17.93 -40.82 -8.38
CA SER B 190 17.86 -39.71 -9.31
C SER B 190 16.46 -39.42 -9.82
N ASP B 191 15.49 -40.30 -9.54
CA ASP B 191 14.12 -40.04 -9.97
C ASP B 191 13.51 -38.91 -9.13
N LEU B 192 12.73 -38.06 -9.80
CA LEU B 192 12.17 -36.90 -9.12
C LEU B 192 11.05 -37.30 -8.16
N GLU B 193 10.08 -38.09 -8.65
CA GLU B 193 8.91 -38.43 -7.84
C GLU B 193 9.32 -39.15 -6.55
N THR B 194 10.36 -39.97 -6.62
CA THR B 194 10.83 -40.66 -5.42
C THR B 194 11.55 -39.70 -4.48
N LEU B 195 12.39 -38.81 -5.02
CA LEU B 195 13.03 -37.81 -4.19
C LEU B 195 12.01 -36.82 -3.61
N ARG B 196 10.91 -36.58 -4.34
CA ARG B 196 9.82 -35.79 -3.77
C ARG B 196 9.15 -36.52 -2.61
N HIS B 197 8.96 -37.84 -2.75
CA HIS B 197 8.40 -38.61 -1.66
C HIS B 197 9.37 -38.69 -0.49
N CYS B 198 10.67 -38.81 -0.77
CA CYS B 198 11.66 -38.85 0.31
C CYS B 198 11.76 -37.51 1.03
N ALA B 199 11.73 -36.40 0.28
CA ALA B 199 11.81 -35.08 0.90
C ALA B 199 10.59 -34.81 1.75
N SER B 200 9.41 -35.20 1.27
CA SER B 200 8.19 -34.97 2.04
C SER B 200 8.10 -35.92 3.24
N ALA B 201 8.63 -37.13 3.12
CA ALA B 201 8.57 -38.09 4.22
C ALA B 201 9.43 -37.63 5.38
N LEU B 202 10.66 -37.19 5.11
CA LEU B 202 11.55 -36.75 6.18
C LEU B 202 11.00 -35.52 6.89
N ALA B 203 10.33 -34.62 6.16
CA ALA B 203 9.72 -33.46 6.79
C ALA B 203 8.56 -33.85 7.69
N ASN B 204 7.82 -34.90 7.33
CA ASN B 204 6.75 -35.38 8.19
C ASN B 204 7.31 -36.02 9.45
N LEU B 205 8.36 -36.83 9.32
CA LEU B 205 8.99 -37.41 10.51
C LEU B 205 9.62 -36.33 11.38
N SER B 206 10.11 -35.25 10.77
CA SER B 206 10.65 -34.14 11.56
C SER B 206 9.57 -33.48 12.40
N LEU B 207 8.34 -33.43 11.91
CA LEU B 207 7.25 -32.81 12.66
C LEU B 207 6.63 -33.78 13.65
N TYR B 208 6.24 -34.96 13.17
CA TYR B 208 5.58 -35.97 14.00
C TYR B 208 6.56 -36.76 14.86
N GLY B 209 7.85 -36.45 14.81
CA GLY B 209 8.85 -37.24 15.52
C GLY B 209 8.80 -37.12 17.02
N GLY B 210 9.32 -36.02 17.54
CA GLY B 210 9.42 -35.82 18.97
C GLY B 210 10.85 -35.89 19.45
N ALA B 211 11.01 -35.88 20.77
CA ALA B 211 12.35 -35.89 21.36
C ALA B 211 13.08 -37.20 21.09
N GLU B 212 12.40 -38.33 21.32
CA GLU B 212 13.06 -39.62 21.17
C GLU B 212 13.25 -40.00 19.70
N ASN B 213 12.32 -39.62 18.83
CA ASN B 213 12.42 -40.00 17.42
C ASN B 213 13.45 -39.15 16.69
N GLN B 214 13.50 -37.84 16.97
CA GLN B 214 14.51 -37.00 16.36
C GLN B 214 15.91 -37.36 16.86
N GLU B 215 16.03 -37.93 18.05
CA GLU B 215 17.34 -38.41 18.52
C GLU B 215 17.84 -39.55 17.64
N GLU B 216 16.93 -40.43 17.20
CA GLU B 216 17.32 -41.52 16.33
C GLU B 216 17.65 -41.03 14.92
N MET B 217 17.21 -39.83 14.56
CA MET B 217 17.48 -39.30 13.22
C MET B 217 18.93 -38.84 13.08
N ILE B 218 19.47 -38.18 14.10
CA ILE B 218 20.88 -37.80 14.06
C ILE B 218 21.77 -39.03 14.12
N LEU B 219 21.42 -40.00 14.96
CA LEU B 219 22.19 -41.23 15.06
C LEU B 219 22.16 -42.01 13.76
N ARG B 220 21.06 -41.92 13.00
CA ARG B 220 20.96 -42.51 11.67
C ARG B 220 21.55 -41.59 10.59
N LYS B 221 22.08 -40.42 10.98
CA LYS B 221 22.66 -39.47 10.05
C LYS B 221 21.64 -38.99 9.02
N VAL B 222 20.43 -38.69 9.50
CA VAL B 222 19.41 -38.12 8.62
C VAL B 222 19.87 -36.80 7.98
N PRO B 223 20.46 -35.85 8.71
CA PRO B 223 20.91 -34.62 8.04
C PRO B 223 21.97 -34.85 6.98
N MET B 224 22.74 -35.94 7.10
CA MET B 224 23.79 -36.21 6.11
C MET B 224 23.19 -36.41 4.72
N TRP B 225 22.04 -37.07 4.64
CA TRP B 225 21.35 -37.28 3.38
C TRP B 225 20.27 -36.25 3.10
N LEU B 226 20.06 -35.31 4.02
CA LEU B 226 19.13 -34.21 3.77
C LEU B 226 19.80 -33.03 3.08
N PHE B 227 21.10 -32.82 3.31
CA PHE B 227 21.82 -31.74 2.63
C PHE B 227 21.82 -31.90 1.12
N PRO B 228 22.06 -33.09 0.54
CA PRO B 228 22.02 -33.18 -0.93
C PRO B 228 20.65 -32.89 -1.53
N LEU B 229 19.58 -32.94 -0.73
CA LEU B 229 18.25 -32.64 -1.23
C LEU B 229 17.88 -31.17 -1.07
N ALA B 230 18.54 -30.43 -0.18
CA ALA B 230 18.26 -29.02 -0.01
C ALA B 230 18.79 -28.18 -1.17
N PHE B 231 19.70 -28.73 -1.97
CA PHE B 231 20.25 -28.04 -3.14
C PHE B 231 19.62 -28.53 -4.44
N HIS B 232 18.59 -29.36 -4.35
CA HIS B 232 17.96 -29.91 -5.55
C HIS B 232 17.28 -28.81 -6.34
N ASN B 233 17.51 -28.78 -7.66
CA ASN B 233 16.92 -27.75 -8.50
C ASN B 233 15.41 -27.82 -8.55
N ASP B 234 14.82 -28.99 -8.28
CA ASP B 234 13.37 -29.11 -8.21
C ASP B 234 12.86 -28.35 -6.99
N ASP B 235 11.94 -27.42 -7.24
CA ASP B 235 11.46 -26.55 -6.17
C ASP B 235 10.73 -27.32 -5.08
N ASN B 236 10.03 -28.40 -5.45
CA ASN B 236 9.29 -29.18 -4.46
C ASN B 236 10.23 -29.97 -3.56
N ILE B 237 11.27 -30.57 -4.15
CA ILE B 237 12.26 -31.30 -3.35
C ILE B 237 13.01 -30.35 -2.43
N LYS B 238 13.44 -29.20 -2.97
CA LYS B 238 14.23 -28.25 -2.18
C LYS B 238 13.41 -27.69 -1.02
N TYR B 239 12.11 -27.46 -1.25
CA TYR B 239 11.28 -26.85 -0.22
C TYR B 239 11.13 -27.76 0.99
N TYR B 240 10.63 -28.99 0.79
CA TYR B 240 10.43 -29.90 1.90
C TYR B 240 11.74 -30.40 2.50
N ALA B 241 12.84 -30.35 1.73
CA ALA B 241 14.14 -30.66 2.33
C ALA B 241 14.64 -29.51 3.19
N CYS B 242 14.46 -28.27 2.73
CA CYS B 242 14.77 -27.11 3.56
C CYS B 242 13.82 -26.98 4.73
N LEU B 243 12.61 -27.53 4.62
CA LEU B 243 11.67 -27.50 5.74
C LEU B 243 12.10 -28.48 6.83
N ALA B 244 12.53 -29.68 6.44
CA ALA B 244 12.92 -30.67 7.42
C ALA B 244 14.15 -30.23 8.22
N ILE B 245 15.08 -29.54 7.57
CA ILE B 245 16.29 -29.09 8.26
C ILE B 245 15.91 -28.10 9.36
N ALA B 246 15.05 -27.13 9.04
CA ALA B 246 14.67 -26.12 10.02
C ALA B 246 13.98 -26.75 11.22
N VAL B 247 13.11 -27.75 10.99
CA VAL B 247 12.47 -28.44 12.10
C VAL B 247 13.49 -29.28 12.87
N LEU B 248 14.55 -29.72 12.19
CA LEU B 248 15.55 -30.58 12.82
C LEU B 248 16.48 -29.82 13.77
N VAL B 249 16.41 -28.49 13.79
CA VAL B 249 17.21 -27.70 14.74
C VAL B 249 16.47 -27.45 16.04
N ALA B 250 15.21 -27.86 16.15
CA ALA B 250 14.42 -27.59 17.35
C ALA B 250 15.06 -28.19 18.59
N ASN B 251 15.20 -29.52 18.62
CA ASN B 251 15.79 -30.22 19.74
C ASN B 251 17.05 -30.95 19.28
N LYS B 252 18.09 -30.87 20.10
CA LYS B 252 19.42 -31.40 19.77
C LYS B 252 19.88 -30.86 18.41
N GLU B 253 20.23 -29.59 18.41
CA GLU B 253 20.75 -28.95 17.22
C GLU B 253 22.07 -29.58 16.82
N ILE B 254 22.22 -29.89 15.53
CA ILE B 254 23.46 -30.44 15.01
C ILE B 254 24.45 -29.33 14.67
N GLU B 255 23.99 -28.08 14.57
CA GLU B 255 24.85 -26.89 14.54
C GLU B 255 25.74 -26.83 13.31
N ALA B 256 27.01 -27.21 13.47
CA ALA B 256 28.01 -26.95 12.44
C ALA B 256 27.76 -27.77 11.18
N GLU B 257 27.16 -28.96 11.30
CA GLU B 257 26.89 -29.75 10.12
C GLU B 257 25.83 -29.11 9.23
N VAL B 258 24.95 -28.29 9.81
CA VAL B 258 24.00 -27.54 9.00
C VAL B 258 24.75 -26.54 8.13
N LEU B 259 25.78 -25.89 8.69
CA LEU B 259 26.59 -24.95 7.93
C LEU B 259 27.78 -25.67 7.28
N LYS B 260 28.92 -24.99 7.18
CA LYS B 260 30.11 -25.50 6.51
C LYS B 260 29.83 -25.89 5.07
N SER B 261 29.84 -27.20 4.77
CA SER B 261 29.61 -27.64 3.39
C SER B 261 28.22 -27.26 2.91
N GLY B 262 27.18 -27.66 3.65
CA GLY B 262 25.83 -27.24 3.36
C GLY B 262 25.48 -25.94 4.05
N CYS B 263 24.22 -25.53 3.87
CA CYS B 263 23.71 -24.32 4.51
C CYS B 263 22.20 -24.20 4.31
N LEU B 264 21.48 -23.87 5.39
CA LEU B 264 20.07 -23.52 5.28
C LEU B 264 19.86 -22.06 4.86
N ASP B 265 20.95 -21.35 4.56
CA ASP B 265 20.85 -19.95 4.15
C ASP B 265 20.10 -19.76 2.85
N LEU B 266 19.79 -20.86 2.13
CA LEU B 266 19.00 -20.77 0.91
C LEU B 266 17.53 -20.47 1.19
N VAL B 267 17.12 -20.46 2.46
CA VAL B 267 15.72 -20.16 2.78
C VAL B 267 15.39 -18.71 2.46
N GLU B 268 16.28 -17.79 2.86
CA GLU B 268 16.01 -16.37 2.65
C GLU B 268 15.87 -15.99 1.18
N PRO B 269 16.76 -16.40 0.26
CA PRO B 269 16.56 -16.03 -1.15
C PRO B 269 15.43 -16.78 -1.81
N PHE B 270 15.13 -18.01 -1.39
CA PHE B 270 14.06 -18.77 -2.03
C PHE B 270 12.69 -18.26 -1.62
N VAL B 271 12.53 -17.89 -0.35
CA VAL B 271 11.23 -17.44 0.13
C VAL B 271 10.87 -16.08 -0.48
N THR B 272 11.84 -15.18 -0.55
CA THR B 272 11.59 -13.84 -1.08
C THR B 272 11.48 -13.81 -2.60
N SER B 273 11.66 -14.95 -3.27
CA SER B 273 11.63 -14.99 -4.74
C SER B 273 10.57 -15.95 -5.27
N HIS B 274 9.63 -16.37 -4.43
CA HIS B 274 8.59 -17.32 -4.83
C HIS B 274 7.23 -16.84 -4.36
N ASP B 275 6.26 -16.90 -5.28
CA ASP B 275 4.90 -16.44 -5.01
C ASP B 275 4.17 -17.48 -4.16
N PRO B 276 3.69 -17.12 -2.96
CA PRO B 276 2.98 -18.11 -2.14
C PRO B 276 1.69 -18.63 -2.76
N SER B 277 1.08 -17.89 -3.69
CA SER B 277 -0.16 -18.35 -4.29
C SER B 277 0.09 -19.39 -5.37
N ALA B 278 1.05 -19.11 -6.27
CA ALA B 278 1.32 -20.04 -7.37
C ALA B 278 2.15 -21.23 -6.92
N PHE B 279 3.02 -21.06 -5.91
CA PHE B 279 3.77 -22.19 -5.38
C PHE B 279 2.88 -23.16 -4.62
N ALA B 280 1.69 -22.73 -4.21
CA ALA B 280 0.75 -23.59 -3.52
C ALA B 280 -0.13 -24.40 -4.47
N ARG B 281 -0.47 -23.84 -5.63
CA ARG B 281 -1.30 -24.58 -6.58
C ARG B 281 -0.48 -25.64 -7.31
N SER B 282 0.75 -25.32 -7.68
CA SER B 282 1.61 -26.29 -8.35
C SER B 282 2.11 -27.38 -7.39
N ASN B 283 2.13 -27.09 -6.09
CA ASN B 283 2.63 -28.06 -5.11
C ASN B 283 1.64 -28.18 -3.94
N ALA B 287 -3.98 -31.47 -4.01
CA ALA B 287 -4.80 -31.70 -2.82
C ALA B 287 -5.36 -30.39 -2.29
N HIS B 288 -5.91 -30.43 -1.08
CA HIS B 288 -6.46 -29.25 -0.43
C HIS B 288 -5.51 -28.64 0.59
N GLY B 289 -4.27 -29.10 0.65
CA GLY B 289 -3.25 -28.46 1.46
C GLY B 289 -3.09 -29.01 2.86
N GLN B 290 -2.26 -30.04 2.99
CA GLN B 290 -1.86 -30.61 4.30
C GLN B 290 -3.12 -31.00 5.07
N SER B 291 -3.18 -30.72 6.37
CA SER B 291 -4.34 -31.04 7.19
C SER B 291 -4.26 -30.21 8.46
N LYS B 292 -5.26 -30.39 9.33
CA LYS B 292 -5.25 -29.71 10.62
C LYS B 292 -4.08 -30.16 11.47
N HIS B 293 -3.94 -31.49 11.64
CA HIS B 293 -2.88 -32.03 12.50
C HIS B 293 -1.50 -31.87 11.90
N TRP B 294 -1.39 -31.66 10.59
CA TRP B 294 -0.10 -31.37 10.00
C TRP B 294 0.31 -29.92 10.26
N LEU B 295 -0.66 -29.00 10.21
CA LEU B 295 -0.36 -27.61 10.52
C LEU B 295 -0.15 -27.39 12.01
N LYS B 296 -0.85 -28.16 12.84
CA LYS B 296 -0.65 -28.05 14.29
C LYS B 296 0.80 -28.38 14.67
N ARG B 297 1.39 -29.36 13.98
CA ARG B 297 2.80 -29.69 14.21
C ARG B 297 3.74 -28.61 13.69
N LEU B 298 3.27 -27.75 12.77
CA LEU B 298 4.08 -26.68 12.23
C LEU B 298 3.97 -25.39 13.04
N VAL B 299 2.92 -25.26 13.85
CA VAL B 299 2.75 -24.04 14.64
C VAL B 299 3.95 -23.73 15.53
N PRO B 300 4.53 -24.69 16.26
CA PRO B 300 5.70 -24.36 17.10
C PRO B 300 6.92 -23.90 16.32
N VAL B 301 6.95 -24.10 15.00
CA VAL B 301 8.08 -23.60 14.21
C VAL B 301 8.05 -22.09 14.08
N LEU B 302 6.87 -21.48 14.20
CA LEU B 302 6.75 -20.02 14.05
C LEU B 302 7.43 -19.28 15.19
N SER B 303 7.43 -19.86 16.39
CA SER B 303 8.07 -19.22 17.55
C SER B 303 9.42 -19.85 17.86
N SER B 304 10.23 -20.05 16.83
CA SER B 304 11.54 -20.65 16.98
C SER B 304 12.60 -19.58 17.23
N ASN B 305 13.81 -20.04 17.55
CA ASN B 305 14.92 -19.13 17.79
C ASN B 305 15.65 -18.75 16.51
N ARG B 306 15.72 -19.65 15.53
CA ARG B 306 16.37 -19.36 14.27
C ARG B 306 15.43 -18.56 13.36
N GLU B 307 15.97 -17.51 12.75
CA GLU B 307 15.16 -16.69 11.84
C GLU B 307 14.72 -17.47 10.62
N GLU B 308 15.61 -18.32 10.09
CA GLU B 308 15.28 -19.07 8.87
C GLU B 308 14.12 -20.02 9.09
N ALA B 309 13.96 -20.55 10.30
CA ALA B 309 12.82 -21.41 10.59
C ALA B 309 11.52 -20.64 10.55
N ARG B 310 11.51 -19.42 11.10
CA ARG B 310 10.31 -18.58 11.04
C ARG B 310 10.01 -18.17 9.61
N ASN B 311 11.06 -17.93 8.81
CA ASN B 311 10.86 -17.47 7.44
C ASN B 311 10.13 -18.50 6.60
N LEU B 312 10.42 -19.78 6.81
CA LEU B 312 9.78 -20.83 6.03
C LEU B 312 8.46 -21.27 6.65
N ALA B 313 8.34 -21.23 7.97
CA ALA B 313 7.07 -21.60 8.61
C ALA B 313 5.99 -20.58 8.29
N ALA B 314 6.31 -19.29 8.35
CA ALA B 314 5.35 -18.26 7.97
C ALA B 314 5.05 -18.32 6.48
N PHE B 315 6.02 -18.70 5.66
CA PHE B 315 5.79 -18.84 4.23
C PHE B 315 4.80 -19.95 3.92
N HIS B 316 4.80 -21.02 4.73
CA HIS B 316 3.87 -22.12 4.49
C HIS B 316 2.46 -21.77 4.96
N PHE B 317 2.34 -21.12 6.12
CA PHE B 317 1.03 -20.68 6.57
C PHE B 317 0.42 -19.66 5.63
N CYS B 318 1.26 -18.83 4.99
CA CYS B 318 0.76 -17.87 4.01
C CYS B 318 0.30 -18.58 2.74
N MET B 319 0.91 -19.71 2.40
CA MET B 319 0.41 -20.54 1.31
C MET B 319 -0.86 -21.26 1.73
N GLU B 320 -0.91 -21.73 2.97
CA GLU B 320 -2.06 -22.50 3.45
C GLU B 320 -3.26 -21.62 3.74
N ALA B 321 -3.03 -20.34 4.06
CA ALA B 321 -4.15 -19.44 4.37
C ALA B 321 -5.03 -19.23 3.15
N GLY B 322 -4.42 -19.01 1.98
CA GLY B 322 -5.21 -18.82 0.77
C GLY B 322 -5.97 -20.06 0.34
N ILE B 323 -5.42 -21.24 0.63
CA ILE B 323 -6.09 -22.48 0.26
C ILE B 323 -7.26 -22.76 1.18
N LYS B 324 -7.08 -22.51 2.49
CA LYS B 324 -8.17 -22.74 3.44
C LYS B 324 -9.31 -21.74 3.25
N ARG B 325 -9.00 -20.54 2.74
CA ARG B 325 -10.06 -19.57 2.47
C ARG B 325 -10.86 -19.94 1.23
N GLU B 326 -10.27 -20.72 0.31
CA GLU B 326 -11.02 -21.15 -0.87
C GLU B 326 -12.22 -22.00 -0.48
N GLN B 327 -12.05 -22.94 0.44
CA GLN B 327 -13.14 -23.76 0.93
C GLN B 327 -13.82 -23.17 2.16
N GLY B 328 -13.51 -21.92 2.51
CA GLY B 328 -14.10 -21.31 3.69
C GLY B 328 -13.72 -21.98 4.99
N ASN B 329 -12.58 -22.67 5.03
CA ASN B 329 -12.16 -23.36 6.24
C ASN B 329 -11.00 -22.63 6.91
N THR B 330 -11.19 -21.33 7.17
CA THR B 330 -10.17 -20.54 7.86
C THR B 330 -10.22 -20.73 9.37
N ASP B 331 -11.32 -21.28 9.90
CA ASP B 331 -11.42 -21.51 11.34
C ASP B 331 -10.51 -22.61 11.84
N ILE B 332 -9.82 -23.32 10.94
CA ILE B 332 -8.87 -24.35 11.36
C ILE B 332 -7.73 -23.75 12.16
N PHE B 333 -7.24 -22.58 11.72
CA PHE B 333 -6.10 -21.96 12.40
C PHE B 333 -6.46 -21.51 13.81
N ARG B 334 -7.73 -21.17 14.05
CA ARG B 334 -8.18 -20.87 15.41
C ARG B 334 -8.39 -22.13 16.23
N GLU B 335 -8.59 -23.28 15.59
CA GLU B 335 -8.72 -24.54 16.31
C GLU B 335 -7.38 -25.15 16.67
N ILE B 336 -6.30 -24.70 16.04
CA ILE B 336 -4.96 -25.22 16.32
C ILE B 336 -4.10 -24.19 17.05
N ASN B 337 -4.71 -23.11 17.55
CA ASN B 337 -4.00 -22.06 18.27
C ASN B 337 -2.83 -21.51 17.46
N ALA B 338 -3.02 -21.44 16.14
CA ALA B 338 -2.01 -20.86 15.26
C ALA B 338 -2.09 -19.34 15.22
N ILE B 339 -3.24 -18.76 15.58
CA ILE B 339 -3.40 -17.31 15.49
C ILE B 339 -2.50 -16.61 16.51
N GLU B 340 -2.33 -17.22 17.70
CA GLU B 340 -1.48 -16.62 18.71
C GLU B 340 -0.05 -16.45 18.20
N ALA B 341 0.47 -17.45 17.51
CA ALA B 341 1.83 -17.35 16.96
C ALA B 341 1.88 -16.41 15.76
N LEU B 342 0.86 -16.47 14.90
CA LEU B 342 0.85 -15.61 13.71
C LEU B 342 0.79 -14.14 14.08
N LYS B 343 0.09 -13.79 15.17
CA LYS B 343 0.03 -12.41 15.59
C LYS B 343 1.35 -11.95 16.19
N ASN B 344 2.13 -12.86 16.76
CA ASN B 344 3.42 -12.50 17.33
C ASN B 344 4.49 -12.32 16.25
N VAL B 345 4.40 -13.08 15.16
CA VAL B 345 5.31 -12.88 14.04
C VAL B 345 4.88 -11.71 13.17
N ALA B 346 3.65 -11.22 13.32
CA ALA B 346 3.21 -10.07 12.55
C ALA B 346 3.79 -8.76 13.10
N SER B 347 4.32 -8.77 14.32
CA SER B 347 4.89 -7.57 14.92
C SER B 347 6.39 -7.66 15.14
N CYS B 348 7.02 -8.81 14.88
CA CYS B 348 8.45 -8.93 15.05
C CYS B 348 9.18 -8.06 14.02
N PRO B 349 10.44 -7.68 14.31
CA PRO B 349 11.11 -6.70 13.43
C PRO B 349 11.39 -7.21 12.03
N ASN B 350 11.88 -8.44 11.88
CA ASN B 350 12.27 -8.93 10.56
C ASN B 350 11.08 -9.00 9.61
N ALA B 351 11.05 -8.08 8.64
CA ALA B 351 9.97 -8.04 7.67
C ALA B 351 9.97 -9.25 6.73
N ILE B 352 10.98 -10.10 6.80
CA ILE B 352 11.01 -11.30 5.97
C ILE B 352 9.87 -12.23 6.37
N ALA B 353 9.84 -12.63 7.64
CA ALA B 353 8.77 -13.49 8.13
C ALA B 353 7.52 -12.73 8.53
N SER B 354 7.60 -11.40 8.62
CA SER B 354 6.45 -10.61 9.06
C SER B 354 5.37 -10.50 7.98
N LYS B 355 5.79 -10.29 6.73
CA LYS B 355 4.81 -10.09 5.67
C LYS B 355 3.97 -11.35 5.43
N PHE B 356 4.58 -12.53 5.57
CA PHE B 356 3.84 -13.76 5.34
C PHE B 356 2.89 -14.07 6.49
N ALA B 357 3.33 -13.82 7.73
CA ALA B 357 2.45 -13.98 8.87
C ALA B 357 1.33 -12.93 8.90
N ALA B 358 1.55 -11.78 8.26
CA ALA B 358 0.52 -10.75 8.22
C ALA B 358 -0.54 -11.07 7.16
N GLN B 359 -0.10 -11.41 5.94
CA GLN B 359 -1.06 -11.77 4.90
C GLN B 359 -1.82 -13.04 5.26
N ALA B 360 -1.19 -13.96 6.00
CA ALA B 360 -1.89 -15.15 6.45
C ALA B 360 -3.05 -14.78 7.38
N LEU B 361 -2.83 -13.81 8.27
CA LEU B 361 -3.89 -13.39 9.18
C LEU B 361 -5.00 -12.65 8.44
N ARG B 362 -4.66 -11.91 7.38
CA ARG B 362 -5.69 -11.22 6.61
C ARG B 362 -6.54 -12.19 5.79
N LEU B 363 -5.94 -13.28 5.31
CA LEU B 363 -6.67 -14.32 4.59
C LEU B 363 -7.52 -15.19 5.52
N ILE B 364 -7.54 -14.90 6.81
CA ILE B 364 -8.36 -15.63 7.78
C ILE B 364 -9.43 -14.72 8.38
N GLY B 365 -9.05 -13.53 8.82
CA GLY B 365 -9.98 -12.62 9.46
C GLY B 365 -9.40 -11.99 10.71
N ILE C 22 -1.46 30.01 39.54
CA ILE C 22 -1.45 30.92 38.41
C ILE C 22 -0.10 30.86 37.72
N GLU C 23 0.95 31.28 38.43
CA GLU C 23 2.31 31.19 37.94
C GLU C 23 3.00 29.90 38.37
N GLN C 24 2.43 29.17 39.34
CA GLN C 24 3.05 27.94 39.80
C GLN C 24 3.08 26.88 38.70
N THR C 25 1.99 26.77 37.93
CA THR C 25 1.99 25.84 36.81
C THR C 25 3.01 26.24 35.75
N ILE C 26 3.34 27.54 35.65
CA ILE C 26 4.36 27.98 34.72
C ILE C 26 5.73 27.51 35.17
N ASN C 27 6.06 27.74 36.45
CA ASN C 27 7.39 27.42 36.96
C ASN C 27 7.58 25.90 37.11
N LYS C 28 6.50 25.17 37.39
CA LYS C 28 6.61 23.73 37.58
C LYS C 28 6.96 23.03 36.27
N TYR C 29 6.15 23.26 35.22
CA TYR C 29 6.39 22.62 33.95
C TYR C 29 7.57 23.21 33.19
N SER C 30 7.98 24.44 33.52
CA SER C 30 9.23 24.96 32.97
C SER C 30 10.43 24.24 33.58
N ASN C 31 10.38 23.97 34.88
CA ASN C 31 11.44 23.19 35.51
C ASN C 31 11.41 21.73 35.05
N MET C 32 10.23 21.22 34.69
CA MET C 32 10.12 19.84 34.24
C MET C 32 10.64 19.68 32.82
N LEU C 33 10.42 20.68 31.95
CA LEU C 33 10.93 20.61 30.59
C LEU C 33 12.45 20.48 30.58
N THR C 34 13.13 21.36 31.33
CA THR C 34 14.59 21.37 31.33
C THR C 34 15.15 20.05 31.88
N SER C 35 14.56 19.55 32.96
CA SER C 35 15.07 18.31 33.56
C SER C 35 14.87 17.12 32.64
N ILE C 36 13.81 17.10 31.85
CA ILE C 36 13.53 15.95 30.99
C ILE C 36 14.55 15.86 29.86
N VAL C 37 14.99 17.00 29.34
CA VAL C 37 15.96 17.00 28.25
C VAL C 37 17.35 16.67 28.81
N SER C 38 17.60 15.38 29.06
CA SER C 38 18.91 14.92 29.51
C SER C 38 19.34 13.67 28.74
N SER C 39 18.68 13.36 27.63
CA SER C 39 18.94 12.16 26.86
C SER C 39 20.11 12.29 25.89
N LEU C 40 20.56 13.53 25.61
CA LEU C 40 21.66 13.72 24.68
C LEU C 40 22.92 13.03 25.18
N GLN C 41 23.52 12.22 24.31
CA GLN C 41 24.72 11.46 24.68
C GLN C 41 25.97 12.34 24.59
N GLU C 64 5.57 9.16 25.09
CA GLU C 64 7.03 9.24 25.03
C GLU C 64 7.47 10.70 24.86
N LYS C 65 6.49 11.58 24.64
CA LYS C 65 6.75 12.98 24.40
C LYS C 65 6.06 13.84 25.45
N ILE C 66 6.60 15.05 25.63
CA ILE C 66 5.99 16.05 26.49
C ILE C 66 5.38 17.18 25.66
N ASN C 67 5.14 16.92 24.38
CA ASN C 67 4.44 17.88 23.53
C ASN C 67 2.99 18.06 23.94
N GLU C 68 2.42 17.09 24.67
CA GLU C 68 1.02 17.17 25.05
C GLU C 68 0.76 18.27 26.07
N VAL C 69 1.77 18.64 26.86
CA VAL C 69 1.56 19.71 27.83
C VAL C 69 1.80 21.07 27.19
N ILE C 70 2.69 21.16 26.20
CA ILE C 70 2.83 22.40 25.45
C ILE C 70 1.64 22.58 24.50
N ARG C 71 1.06 21.47 24.04
CA ARG C 71 -0.16 21.56 23.24
C ARG C 71 -1.29 22.20 24.04
N ARG C 72 -1.42 21.82 25.31
CA ARG C 72 -2.44 22.39 26.19
C ARG C 72 -1.96 23.65 26.90
N ALA C 73 -0.69 24.01 26.76
CA ALA C 73 -0.20 25.24 27.37
C ALA C 73 -0.80 26.47 26.70
N TRP C 74 -0.85 26.47 25.37
CA TRP C 74 -1.47 27.55 24.62
C TRP C 74 -3.00 27.45 24.60
N ALA C 75 -3.57 26.37 25.16
CA ALA C 75 -5.01 26.16 25.12
C ALA C 75 -5.78 27.06 26.08
N VAL C 76 -5.12 27.61 27.09
CA VAL C 76 -5.77 28.49 28.05
C VAL C 76 -6.26 29.74 27.33
N PRO C 77 -7.57 30.03 27.33
CA PRO C 77 -8.06 31.18 26.57
C PRO C 77 -7.72 32.51 27.21
N THR C 78 -7.54 32.56 28.53
CA THR C 78 -7.22 33.82 29.19
C THR C 78 -5.79 34.27 28.87
N HIS C 79 -4.80 33.48 29.31
CA HIS C 79 -3.39 33.76 29.06
C HIS C 79 -2.75 32.52 28.43
N GLY C 80 -2.91 32.38 27.12
CA GLY C 80 -2.27 31.30 26.40
C GLY C 80 -0.91 31.72 25.88
N HIS C 81 -0.78 32.99 25.51
CA HIS C 81 0.50 33.50 25.03
C HIS C 81 1.50 33.67 26.18
N GLU C 82 1.01 33.96 27.39
CA GLU C 82 1.90 34.12 28.53
C GLU C 82 2.53 32.79 28.94
N LEU C 83 1.75 31.72 28.90
CA LEU C 83 2.26 30.42 29.35
C LEU C 83 3.27 29.85 28.37
N GLY C 84 2.93 29.84 27.07
CA GLY C 84 3.83 29.26 26.09
C GLY C 84 5.11 30.04 25.89
N TYR C 85 5.00 31.38 25.82
CA TYR C 85 6.18 32.21 25.60
C TYR C 85 7.20 32.04 26.71
N SER C 86 6.74 31.77 27.94
CA SER C 86 7.67 31.54 29.04
C SER C 86 8.23 30.13 29.03
N LEU C 87 7.42 29.14 28.64
CA LEU C 87 7.92 27.78 28.52
C LEU C 87 8.89 27.65 27.37
N CYS C 88 8.65 28.38 26.28
CA CYS C 88 9.55 28.31 25.14
C CYS C 88 10.85 29.05 25.43
N ASN C 89 10.78 30.16 26.16
CA ASN C 89 12.00 30.84 26.58
C ASN C 89 12.83 29.99 27.53
N SER C 90 12.21 29.05 28.24
CA SER C 90 12.95 28.12 29.07
C SER C 90 13.54 26.97 28.28
N LEU C 91 12.98 26.66 27.11
CA LEU C 91 13.52 25.58 26.28
C LEU C 91 14.78 26.02 25.56
N ARG C 92 14.76 27.21 24.96
CA ARG C 92 15.94 27.69 24.23
C ARG C 92 17.05 28.08 25.18
N GLN C 93 16.73 28.62 26.35
CA GLN C 93 17.77 28.97 27.32
C GLN C 93 18.46 27.73 27.85
N SER C 94 17.74 26.64 28.02
CA SER C 94 18.27 25.40 28.53
C SER C 94 18.57 24.46 27.35
N GLY C 95 18.76 23.18 27.64
CA GLY C 95 18.94 22.20 26.59
C GLY C 95 17.59 21.71 26.06
N GLY C 96 17.50 21.60 24.74
CA GLY C 96 16.27 21.17 24.11
C GLY C 96 16.17 21.60 22.66
N LEU C 97 16.35 22.90 22.41
CA LEU C 97 16.27 23.40 21.04
C LEU C 97 17.38 22.83 20.18
N ASP C 98 18.59 22.73 20.72
CA ASP C 98 19.68 22.11 19.97
C ASP C 98 19.41 20.62 19.72
N LEU C 99 18.80 19.94 20.70
CA LEU C 99 18.49 18.53 20.51
C LEU C 99 17.39 18.34 19.46
N LEU C 100 16.41 19.24 19.43
CA LEU C 100 15.31 19.10 18.48
C LEU C 100 15.80 19.25 17.05
N MET C 101 16.59 20.30 16.77
CA MET C 101 17.12 20.47 15.42
C MET C 101 18.07 19.35 15.03
N LYS C 102 18.66 18.66 16.00
CA LYS C 102 19.48 17.49 15.71
C LYS C 102 18.65 16.21 15.57
N ASN C 103 17.42 16.21 16.11
CA ASN C 103 16.55 15.04 16.04
C ASN C 103 15.65 15.04 14.82
N CYS C 104 15.69 16.10 14.01
CA CYS C 104 14.86 16.16 12.80
C CYS C 104 15.46 15.37 11.64
N VAL C 105 16.57 14.66 11.85
CA VAL C 105 17.16 13.82 10.83
C VAL C 105 17.04 12.34 11.14
N LYS C 106 16.73 11.97 12.39
CA LYS C 106 16.53 10.60 12.85
C LYS C 106 15.08 10.18 12.63
N PRO C 107 14.85 8.97 12.12
CA PRO C 107 13.48 8.58 11.71
C PRO C 107 12.49 8.47 12.86
N ASP C 108 12.89 7.85 13.97
CA ASP C 108 11.98 7.66 15.09
C ASP C 108 11.68 8.95 15.82
N LEU C 109 12.57 9.95 15.72
CA LEU C 109 12.45 11.19 16.48
C LEU C 109 12.08 12.38 15.59
N GLN C 110 11.55 12.13 14.40
CA GLN C 110 11.21 13.19 13.46
C GLN C 110 9.82 13.77 13.73
N PHE C 111 8.79 12.93 13.69
CA PHE C 111 7.42 13.40 13.91
C PHE C 111 7.21 13.91 15.33
N SER C 112 8.00 13.45 16.29
CA SER C 112 7.83 13.87 17.68
C SER C 112 8.50 15.21 17.96
N SER C 113 9.71 15.41 17.41
CA SER C 113 10.41 16.67 17.65
C SER C 113 9.79 17.80 16.85
N ALA C 114 9.47 17.56 15.57
CA ALA C 114 8.92 18.61 14.73
C ALA C 114 7.56 19.07 15.23
N GLN C 115 6.76 18.14 15.77
CA GLN C 115 5.47 18.52 16.34
C GLN C 115 5.67 19.41 17.56
N LEU C 116 6.64 19.08 18.42
CA LEU C 116 6.96 19.92 19.56
C LEU C 116 7.70 21.18 19.15
N LEU C 117 8.42 21.15 18.03
CA LEU C 117 9.14 22.32 17.57
C LEU C 117 8.18 23.38 17.02
N GLU C 118 7.09 22.96 16.38
CA GLU C 118 6.10 23.91 15.88
C GLU C 118 5.42 24.66 17.02
N GLN C 119 5.39 24.08 18.22
CA GLN C 119 4.77 24.76 19.36
C GLN C 119 5.59 25.96 19.80
N CYS C 120 6.91 25.84 19.79
CA CYS C 120 7.80 26.87 20.30
C CYS C 120 8.55 27.53 19.14
N LEU C 121 7.82 28.30 18.35
CA LEU C 121 8.42 29.12 17.30
C LEU C 121 8.05 30.58 17.50
N THR C 122 8.29 31.10 18.70
CA THR C 122 8.00 32.50 19.00
C THR C 122 9.00 33.40 18.30
N THR C 123 8.87 34.71 18.56
CA THR C 123 9.76 35.68 17.91
C THR C 123 11.21 35.51 18.36
N GLU C 124 11.43 35.00 19.57
CA GLU C 124 12.78 34.79 20.08
C GLU C 124 13.40 33.46 19.66
N ASN C 125 12.58 32.45 19.37
CA ASN C 125 13.07 31.14 18.98
C ASN C 125 13.38 31.02 17.50
N ARG C 126 12.64 31.72 16.65
CA ARG C 126 12.90 31.65 15.21
C ARG C 126 14.31 32.12 14.88
N LYS C 127 14.80 33.13 15.60
CA LYS C 127 16.15 33.62 15.34
C LYS C 127 17.20 32.56 15.66
N HIS C 128 16.98 31.79 16.73
CA HIS C 128 17.92 30.73 17.08
C HIS C 128 17.81 29.55 16.14
N VAL C 129 16.62 29.29 15.61
CA VAL C 129 16.43 28.15 14.72
C VAL C 129 17.02 28.43 13.34
N VAL C 130 16.87 29.65 12.85
CA VAL C 130 17.30 29.99 11.50
C VAL C 130 18.83 30.10 11.43
N ASP C 131 19.43 30.82 12.38
CA ASP C 131 20.88 31.02 12.32
C ASP C 131 21.65 29.74 12.64
N ASN C 132 21.06 28.83 13.42
CA ASN C 132 21.71 27.58 13.79
C ASN C 132 20.78 26.43 13.40
N GLY C 133 21.10 25.77 12.29
CA GLY C 133 20.33 24.62 11.84
C GLY C 133 19.02 24.97 11.19
N LEU C 134 19.07 25.78 10.13
CA LEU C 134 17.84 26.13 9.41
C LEU C 134 17.43 25.01 8.45
N ASP C 135 18.38 24.44 7.71
CA ASP C 135 18.06 23.39 6.76
C ASP C 135 17.56 22.13 7.46
N LYS C 136 17.96 21.92 8.71
CA LYS C 136 17.48 20.76 9.47
C LYS C 136 16.02 20.89 9.86
N VAL C 137 15.47 22.10 9.86
CA VAL C 137 14.11 22.36 10.30
C VAL C 137 13.21 22.55 9.09
N VAL C 138 13.75 23.14 8.03
CA VAL C 138 12.98 23.34 6.80
C VAL C 138 12.71 22.01 6.13
N ASN C 139 13.74 21.17 5.99
CA ASN C 139 13.61 19.93 5.25
C ASN C 139 12.72 18.92 6.00
N VAL C 140 12.74 18.93 7.33
CA VAL C 140 11.88 18.04 8.08
C VAL C 140 10.42 18.48 7.97
N ALA C 141 10.19 19.78 7.76
CA ALA C 141 8.83 20.26 7.52
C ALA C 141 8.37 19.92 6.11
N CYS C 142 9.28 19.99 5.14
CA CYS C 142 8.92 19.62 3.76
C CYS C 142 8.55 18.15 3.67
N VAL C 143 9.33 17.28 4.31
CA VAL C 143 9.05 15.85 4.27
C VAL C 143 7.84 15.49 5.13
N CYS C 144 7.50 16.33 6.10
CA CYS C 144 6.34 16.05 6.93
C CYS C 144 5.03 16.32 6.21
N THR C 145 5.02 17.31 5.30
CA THR C 145 3.84 17.53 4.46
C THR C 145 3.69 16.44 3.42
N LYS C 146 4.80 15.82 3.01
CA LYS C 146 4.74 14.74 2.04
C LYS C 146 4.18 13.45 2.63
N ASN C 147 4.03 13.37 3.95
CA ASN C 147 3.50 12.19 4.59
C ASN C 147 1.98 12.19 4.57
N SER C 148 1.39 11.03 4.32
CA SER C 148 -0.07 10.92 4.18
C SER C 148 -0.80 11.20 5.48
N ASN C 149 -0.10 11.17 6.62
CA ASN C 149 -0.75 11.41 7.91
C ASN C 149 -1.23 12.85 7.99
N MET C 150 -2.49 13.02 8.40
CA MET C 150 -3.07 14.36 8.45
C MET C 150 -2.37 15.23 9.49
N GLU C 151 -2.08 14.68 10.67
CA GLU C 151 -1.35 15.44 11.68
C GLU C 151 0.05 15.79 11.21
N HIS C 152 0.67 14.91 10.41
CA HIS C 152 1.97 15.24 9.84
C HIS C 152 1.89 16.36 8.82
N SER C 153 0.72 16.54 8.20
CA SER C 153 0.55 17.63 7.24
C SER C 153 0.30 18.96 7.94
N ARG C 154 -0.34 18.93 9.11
CA ARG C 154 -0.64 20.17 9.83
C ARG C 154 0.59 20.76 10.49
N VAL C 155 1.48 19.91 11.03
CA VAL C 155 2.69 20.43 11.64
C VAL C 155 3.72 20.83 10.59
N GLY C 156 3.69 20.20 9.41
CA GLY C 156 4.65 20.54 8.37
C GLY C 156 4.42 21.93 7.81
N THR C 157 3.16 22.25 7.47
CA THR C 157 2.84 23.59 7.02
C THR C 157 2.87 24.60 8.16
N GLY C 158 2.72 24.15 9.40
CA GLY C 158 2.82 25.07 10.52
C GLY C 158 4.24 25.55 10.77
N ILE C 159 5.22 24.69 10.51
CA ILE C 159 6.62 25.10 10.63
C ILE C 159 6.99 26.04 9.49
N LEU C 160 6.55 25.73 8.27
CA LEU C 160 6.89 26.56 7.13
C LEU C 160 6.23 27.93 7.22
N GLU C 161 5.06 28.03 7.87
CA GLU C 161 4.41 29.32 8.01
C GLU C 161 5.23 30.26 8.89
N HIS C 162 5.70 29.75 10.03
CA HIS C 162 6.45 30.60 10.94
C HIS C 162 7.81 31.00 10.36
N LEU C 163 8.41 30.15 9.54
CA LEU C 163 9.68 30.49 8.91
C LEU C 163 9.51 31.55 7.83
N PHE C 164 8.29 31.77 7.34
CA PHE C 164 7.99 32.83 6.38
C PHE C 164 7.78 34.19 7.04
N LYS C 165 8.08 34.32 8.33
CA LYS C 165 7.87 35.57 9.07
C LYS C 165 9.17 36.07 9.70
N HIS C 166 10.30 35.82 9.05
CA HIS C 166 11.61 36.20 9.59
C HIS C 166 12.25 37.31 8.77
N SER C 167 12.78 37.01 7.59
CA SER C 167 13.49 38.02 6.82
C SER C 167 13.38 37.71 5.33
N GLU C 168 13.87 38.64 4.50
CA GLU C 168 13.85 38.44 3.06
C GLU C 168 14.82 37.33 2.64
N GLY C 169 15.99 37.26 3.28
CA GLY C 169 16.93 36.19 2.99
C GLY C 169 16.46 34.84 3.50
N THR C 170 15.75 34.82 4.64
CA THR C 170 15.25 33.57 5.17
C THR C 170 14.15 32.99 4.29
N CYS C 171 13.26 33.86 3.78
CA CYS C 171 12.22 33.38 2.87
C CYS C 171 12.83 32.83 1.58
N SER C 172 13.92 33.43 1.11
CA SER C 172 14.60 32.90 -0.07
C SER C 172 15.25 31.56 0.22
N ASP C 173 15.76 31.37 1.43
CA ASP C 173 16.38 30.09 1.79
C ASP C 173 15.34 28.99 1.90
N VAL C 174 14.18 29.28 2.49
CA VAL C 174 13.14 28.29 2.60
C VAL C 174 12.60 27.91 1.22
N ILE C 175 12.50 28.89 0.32
CA ILE C 175 12.09 28.61 -1.06
C ILE C 175 13.10 27.70 -1.74
N ARG C 176 14.39 27.99 -1.56
CA ARG C 176 15.42 27.14 -2.15
C ARG C 176 15.35 25.72 -1.62
N LEU C 177 15.02 25.56 -0.34
CA LEU C 177 14.87 24.24 0.27
C LEU C 177 13.49 23.64 0.04
N GLY C 178 12.76 24.12 -0.97
CA GLY C 178 11.46 23.57 -1.30
C GLY C 178 10.34 23.88 -0.35
N GLY C 179 10.54 24.83 0.57
CA GLY C 179 9.48 25.18 1.51
C GLY C 179 8.27 25.78 0.82
N LEU C 180 8.51 26.56 -0.24
CA LEU C 180 7.39 27.11 -1.01
C LEU C 180 6.64 26.02 -1.75
N ASP C 181 7.36 25.01 -2.25
CA ASP C 181 6.71 23.91 -2.96
C ASP C 181 5.86 23.07 -2.02
N ALA C 182 6.37 22.80 -0.80
CA ALA C 182 5.61 21.99 0.15
C ALA C 182 4.34 22.69 0.59
N VAL C 183 4.34 24.02 0.62
CA VAL C 183 3.12 24.74 0.96
C VAL C 183 2.13 24.69 -0.21
N LEU C 184 2.65 24.79 -1.44
CA LEU C 184 1.76 24.77 -2.61
C LEU C 184 1.16 23.38 -2.84
N PHE C 185 1.88 22.32 -2.45
CA PHE C 185 1.30 20.98 -2.55
C PHE C 185 0.14 20.82 -1.58
N GLU C 186 0.29 21.35 -0.37
CA GLU C 186 -0.76 21.24 0.64
C GLU C 186 -1.93 22.19 0.42
N CYS C 187 -1.84 23.07 -0.58
CA CYS C 187 -3.00 23.90 -0.93
C CYS C 187 -4.07 23.11 -1.68
N ARG C 188 -3.83 21.83 -1.95
CA ARG C 188 -4.83 20.95 -2.54
C ARG C 188 -5.59 20.15 -1.50
N THR C 189 -5.18 20.18 -0.24
CA THR C 189 -5.78 19.36 0.79
C THR C 189 -7.18 19.85 1.14
N SER C 190 -7.91 19.03 1.89
CA SER C 190 -9.24 19.38 2.37
C SER C 190 -9.26 19.73 3.84
N ASP C 191 -8.18 19.47 4.58
CA ASP C 191 -8.14 19.77 6.00
C ASP C 191 -8.19 21.28 6.23
N LEU C 192 -8.99 21.69 7.22
CA LEU C 192 -9.13 23.11 7.51
C LEU C 192 -7.89 23.67 8.18
N GLU C 193 -7.33 22.93 9.15
CA GLU C 193 -6.15 23.40 9.85
C GLU C 193 -4.94 23.50 8.92
N THR C 194 -4.86 22.60 7.93
CA THR C 194 -3.74 22.65 7.00
C THR C 194 -3.85 23.83 6.06
N LEU C 195 -5.04 24.04 5.48
CA LEU C 195 -5.23 25.17 4.56
C LEU C 195 -5.02 26.50 5.27
N ARG C 196 -5.43 26.60 6.54
CA ARG C 196 -5.18 27.81 7.30
C ARG C 196 -3.69 28.08 7.46
N HIS C 197 -2.87 27.03 7.52
CA HIS C 197 -1.43 27.23 7.56
C HIS C 197 -0.90 27.63 6.19
N CYS C 198 -1.46 27.07 5.12
CA CYS C 198 -1.02 27.40 3.77
C CYS C 198 -1.43 28.82 3.40
N ALA C 199 -2.68 29.19 3.68
CA ALA C 199 -3.14 30.54 3.37
C ALA C 199 -2.36 31.58 4.15
N SER C 200 -2.05 31.29 5.42
CA SER C 200 -1.27 32.24 6.21
C SER C 200 0.19 32.26 5.81
N ALA C 201 0.74 31.12 5.39
CA ALA C 201 2.15 31.07 5.00
C ALA C 201 2.40 31.87 3.73
N LEU C 202 1.47 31.80 2.77
CA LEU C 202 1.65 32.58 1.55
C LEU C 202 1.44 34.06 1.78
N ALA C 203 0.58 34.42 2.75
CA ALA C 203 0.42 35.83 3.10
C ALA C 203 1.65 36.36 3.81
N ASN C 204 2.37 35.50 4.55
CA ASN C 204 3.61 35.92 5.19
C ASN C 204 4.76 35.99 4.19
N LEU C 205 4.78 35.08 3.21
CA LEU C 205 5.83 35.10 2.21
C LEU C 205 5.68 36.28 1.26
N SER C 206 4.44 36.65 0.93
CA SER C 206 4.22 37.79 0.06
C SER C 206 4.64 39.10 0.72
N LEU C 207 4.48 39.20 2.04
CA LEU C 207 4.87 40.42 2.75
C LEU C 207 6.38 40.48 2.95
N TYR C 208 6.97 39.41 3.49
CA TYR C 208 8.39 39.40 3.80
C TYR C 208 9.27 39.14 2.58
N GLY C 209 8.69 38.59 1.50
CA GLY C 209 9.48 38.14 0.37
C GLY C 209 10.39 39.17 -0.25
N GLY C 210 9.82 40.27 -0.73
CA GLY C 210 10.58 41.25 -1.47
C GLY C 210 10.47 41.02 -2.96
N ALA C 211 11.33 41.73 -3.71
CA ALA C 211 11.25 41.68 -5.16
C ALA C 211 11.61 40.30 -5.71
N GLU C 212 12.67 39.69 -5.18
CA GLU C 212 13.15 38.43 -5.74
C GLU C 212 12.26 37.26 -5.34
N ASN C 213 11.75 37.27 -4.09
CA ASN C 213 10.95 36.14 -3.63
C ASN C 213 9.53 36.19 -4.19
N GLN C 214 8.92 37.37 -4.23
CA GLN C 214 7.59 37.47 -4.82
C GLN C 214 7.60 37.10 -6.30
N GLU C 215 8.71 37.38 -6.98
CA GLU C 215 8.85 36.93 -8.37
C GLU C 215 8.92 35.41 -8.44
N GLU C 216 9.62 34.78 -7.50
CA GLU C 216 9.67 33.33 -7.44
C GLU C 216 8.29 32.73 -7.15
N MET C 217 7.47 33.45 -6.38
CA MET C 217 6.11 32.98 -6.12
C MET C 217 5.30 32.95 -7.41
N ILE C 218 5.44 33.98 -8.25
CA ILE C 218 4.73 34.00 -9.52
C ILE C 218 5.28 32.93 -10.47
N LEU C 219 6.57 32.63 -10.36
CA LEU C 219 7.15 31.56 -11.18
C LEU C 219 6.61 30.20 -10.76
N ARG C 220 6.39 30.00 -9.46
CA ARG C 220 5.82 28.76 -8.95
C ARG C 220 4.30 28.72 -9.05
N LYS C 221 3.69 29.71 -9.72
CA LYS C 221 2.25 29.78 -9.91
C LYS C 221 1.51 29.86 -8.57
N VAL C 222 2.06 30.65 -7.64
CA VAL C 222 1.39 30.85 -6.35
C VAL C 222 -0.01 31.43 -6.52
N PRO C 223 -0.26 32.42 -7.38
CA PRO C 223 -1.65 32.87 -7.57
C PRO C 223 -2.59 31.78 -8.07
N MET C 224 -2.08 30.72 -8.70
CA MET C 224 -2.96 29.67 -9.19
C MET C 224 -3.55 28.85 -8.06
N TRP C 225 -2.74 28.54 -7.04
CA TRP C 225 -3.21 27.79 -5.88
C TRP C 225 -3.72 28.68 -4.76
N LEU C 226 -3.75 29.99 -4.96
CA LEU C 226 -4.40 30.90 -4.02
C LEU C 226 -5.83 31.21 -4.40
N PHE C 227 -6.19 31.06 -5.68
CA PHE C 227 -7.58 31.25 -6.10
C PHE C 227 -8.54 30.27 -5.44
N PRO C 228 -8.25 28.96 -5.37
CA PRO C 228 -9.18 28.06 -4.68
C PRO C 228 -9.34 28.37 -3.20
N LEU C 229 -8.31 28.95 -2.57
CA LEU C 229 -8.39 29.30 -1.16
C LEU C 229 -9.08 30.65 -0.93
N ALA C 230 -9.11 31.52 -1.94
CA ALA C 230 -9.79 32.80 -1.81
C ALA C 230 -11.30 32.64 -1.76
N PHE C 231 -11.83 31.51 -2.22
CA PHE C 231 -13.27 31.24 -2.20
C PHE C 231 -13.68 30.31 -1.08
N HIS C 232 -12.77 30.01 -0.13
CA HIS C 232 -13.08 29.08 0.93
C HIS C 232 -14.09 29.69 1.91
N ASN C 233 -15.06 28.88 2.34
CA ASN C 233 -16.10 29.37 3.22
C ASN C 233 -15.55 29.79 4.58
N ASP C 234 -14.44 29.19 5.00
CA ASP C 234 -13.83 29.57 6.27
C ASP C 234 -13.24 30.97 6.16
N ASP C 235 -13.70 31.87 7.04
CA ASP C 235 -13.27 33.26 6.96
C ASP C 235 -11.77 33.41 7.21
N ASN C 236 -11.18 32.51 8.01
CA ASN C 236 -9.74 32.56 8.20
C ASN C 236 -8.99 32.21 6.93
N ILE C 237 -9.46 31.19 6.18
CA ILE C 237 -8.80 30.82 4.94
C ILE C 237 -9.06 31.88 3.87
N LYS C 238 -10.28 32.40 3.81
CA LYS C 238 -10.61 33.41 2.80
C LYS C 238 -9.82 34.69 3.01
N TYR C 239 -9.58 35.05 4.28
CA TYR C 239 -8.93 36.33 4.58
C TYR C 239 -7.47 36.34 4.12
N TYR C 240 -6.66 35.43 4.66
CA TYR C 240 -5.23 35.43 4.34
C TYR C 240 -4.96 35.03 2.90
N ALA C 241 -5.89 34.36 2.23
CA ALA C 241 -5.73 34.10 0.80
C ALA C 241 -5.88 35.38 -0.01
N CYS C 242 -6.86 36.22 0.34
CA CYS C 242 -7.02 37.49 -0.34
C CYS C 242 -5.94 38.48 0.07
N LEU C 243 -5.37 38.32 1.27
CA LEU C 243 -4.26 39.17 1.69
C LEU C 243 -3.02 38.91 0.84
N ALA C 244 -2.65 37.64 0.68
CA ALA C 244 -1.49 37.29 -0.13
C ALA C 244 -1.67 37.77 -1.57
N ILE C 245 -2.89 37.65 -2.10
CA ILE C 245 -3.16 38.12 -3.46
C ILE C 245 -3.06 39.63 -3.53
N ALA C 246 -3.61 40.34 -2.54
CA ALA C 246 -3.59 41.79 -2.56
C ALA C 246 -2.17 42.34 -2.44
N VAL C 247 -1.26 41.58 -1.84
CA VAL C 247 0.13 42.01 -1.83
C VAL C 247 0.84 41.60 -3.10
N LEU C 248 0.40 40.50 -3.73
CA LEU C 248 1.01 40.07 -4.98
C LEU C 248 0.60 40.95 -6.14
N VAL C 249 -0.45 41.77 -6.00
CA VAL C 249 -0.76 42.76 -7.03
C VAL C 249 0.09 44.01 -6.90
N ALA C 250 0.97 44.08 -5.90
CA ALA C 250 1.99 45.12 -5.88
C ALA C 250 2.97 44.92 -7.02
N ASN C 251 3.34 43.66 -7.28
CA ASN C 251 4.13 43.31 -8.47
C ASN C 251 3.13 43.05 -9.59
N LYS C 252 2.74 44.12 -10.28
CA LYS C 252 1.62 44.09 -11.22
C LYS C 252 2.04 43.39 -12.52
N GLU C 253 2.27 42.09 -12.41
CA GLU C 253 2.54 41.24 -13.55
C GLU C 253 1.47 40.18 -13.77
N ILE C 254 0.56 40.00 -12.81
CA ILE C 254 -0.49 39.00 -12.88
C ILE C 254 -1.86 39.66 -13.01
N GLU C 255 -1.91 40.92 -13.44
CA GLU C 255 -3.18 41.64 -13.48
C GLU C 255 -4.19 40.94 -14.37
N ALA C 256 -3.75 40.43 -15.52
CA ALA C 256 -4.66 39.68 -16.38
C ALA C 256 -5.10 38.38 -15.74
N GLU C 257 -4.18 37.70 -15.03
CA GLU C 257 -4.49 36.41 -14.45
C GLU C 257 -5.39 36.55 -13.22
N VAL C 258 -5.10 37.52 -12.35
CA VAL C 258 -5.87 37.67 -11.13
C VAL C 258 -7.29 38.15 -11.38
N LEU C 259 -7.54 38.77 -12.53
CA LEU C 259 -8.89 39.25 -12.82
C LEU C 259 -9.80 38.12 -13.29
N LYS C 260 -9.26 37.17 -14.06
CA LYS C 260 -10.07 36.06 -14.53
C LYS C 260 -10.56 35.20 -13.36
N SER C 261 -9.79 35.14 -12.28
CA SER C 261 -10.19 34.33 -11.13
C SER C 261 -11.37 34.95 -10.39
N GLY C 262 -11.51 36.27 -10.45
CA GLY C 262 -12.58 36.94 -9.73
C GLY C 262 -12.37 37.01 -8.24
N CYS C 263 -11.13 37.26 -7.80
CA CYS C 263 -10.82 37.38 -6.39
C CYS C 263 -10.79 38.81 -5.89
N LEU C 264 -10.52 39.78 -6.77
CA LEU C 264 -10.53 41.17 -6.36
C LEU C 264 -11.94 41.66 -6.07
N ASP C 265 -12.94 41.16 -6.81
CA ASP C 265 -14.33 41.48 -6.54
C ASP C 265 -14.84 40.85 -5.25
N LEU C 266 -14.01 40.07 -4.57
CA LEU C 266 -14.39 39.35 -3.37
C LEU C 266 -13.98 40.06 -2.08
N VAL C 267 -13.13 41.08 -2.18
CA VAL C 267 -12.60 41.74 -0.99
C VAL C 267 -13.62 42.71 -0.40
N GLU C 268 -14.25 43.52 -1.23
CA GLU C 268 -15.18 44.53 -0.73
C GLU C 268 -16.35 43.95 0.04
N PRO C 269 -17.06 42.93 -0.45
CA PRO C 269 -18.19 42.40 0.35
C PRO C 269 -17.77 41.82 1.69
N PHE C 270 -16.52 41.41 1.84
CA PHE C 270 -16.07 40.83 3.10
C PHE C 270 -15.82 41.89 4.16
N VAL C 271 -15.12 42.96 3.81
CA VAL C 271 -14.78 43.99 4.79
C VAL C 271 -16.01 44.77 5.22
N THR C 272 -17.02 44.85 4.37
CA THR C 272 -18.26 45.55 4.69
C THR C 272 -19.28 44.66 5.39
N SER C 273 -18.96 43.39 5.63
CA SER C 273 -19.87 42.47 6.28
C SER C 273 -19.21 41.69 7.41
N HIS C 274 -18.07 42.15 7.90
CA HIS C 274 -17.37 41.47 8.99
C HIS C 274 -17.00 42.48 10.07
N ASP C 275 -17.32 42.13 11.31
CA ASP C 275 -17.02 42.96 12.46
C ASP C 275 -15.52 42.94 12.75
N PRO C 276 -14.82 44.08 12.67
CA PRO C 276 -13.37 44.06 12.93
C PRO C 276 -13.01 43.60 14.34
N SER C 277 -13.84 43.92 15.34
CA SER C 277 -13.54 43.49 16.70
C SER C 277 -13.82 42.00 16.90
N ALA C 278 -14.93 41.51 16.36
CA ALA C 278 -15.27 40.10 16.51
C ALA C 278 -14.36 39.21 15.67
N PHE C 279 -13.98 39.70 14.48
CA PHE C 279 -13.05 38.95 13.63
C PHE C 279 -11.63 38.95 14.19
N ALA C 280 -11.34 39.80 15.18
CA ALA C 280 -10.00 39.85 15.76
C ALA C 280 -9.83 38.90 16.93
N ARG C 281 -10.89 38.62 17.68
CA ARG C 281 -10.79 37.64 18.77
C ARG C 281 -10.42 36.27 18.22
N SER C 282 -11.16 35.80 17.23
CA SER C 282 -10.78 34.61 16.50
C SER C 282 -9.76 34.96 15.41
N ASN C 283 -9.23 33.93 14.78
CA ASN C 283 -8.29 34.09 13.67
C ASN C 283 -7.06 34.91 14.07
N HIS C 288 -3.25 36.80 19.56
CA HIS C 288 -2.75 37.79 20.51
C HIS C 288 -2.25 39.03 19.76
N GLY C 289 -2.39 39.01 18.44
CA GLY C 289 -1.95 40.12 17.62
C GLY C 289 -0.64 39.83 16.90
N GLN C 290 -0.54 40.29 15.66
CA GLN C 290 0.66 40.05 14.86
C GLN C 290 1.86 40.77 15.48
N SER C 291 3.04 40.24 15.19
CA SER C 291 4.27 40.86 15.68
C SER C 291 4.45 42.24 15.05
N LYS C 292 5.23 43.08 15.74
CA LYS C 292 5.43 44.46 15.29
C LYS C 292 6.02 44.51 13.88
N HIS C 293 7.02 43.67 13.60
CA HIS C 293 7.66 43.68 12.29
C HIS C 293 6.75 43.11 11.21
N TRP C 294 5.73 42.33 11.58
CA TRP C 294 4.77 41.86 10.60
C TRP C 294 3.94 43.02 10.06
N LEU C 295 3.58 43.97 10.93
CA LEU C 295 2.82 45.12 10.47
C LEU C 295 3.67 46.07 9.64
N LYS C 296 4.96 46.18 9.94
CA LYS C 296 5.84 47.04 9.16
C LYS C 296 5.89 46.59 7.70
N ARG C 297 5.87 45.27 7.47
CA ARG C 297 5.76 44.76 6.10
C ARG C 297 4.38 44.99 5.50
N LEU C 298 3.38 45.32 6.31
CA LEU C 298 2.03 45.61 5.83
C LEU C 298 1.80 47.08 5.58
N VAL C 299 2.62 47.96 6.17
CA VAL C 299 2.41 49.40 6.00
C VAL C 299 2.45 49.83 4.53
N PRO C 300 3.40 49.38 3.71
CA PRO C 300 3.39 49.82 2.30
C PRO C 300 2.17 49.34 1.50
N VAL C 301 1.34 48.45 2.06
CA VAL C 301 0.12 48.06 1.37
C VAL C 301 -0.92 49.17 1.43
N LEU C 302 -0.87 50.01 2.46
CA LEU C 302 -1.83 51.10 2.61
C LEU C 302 -1.72 52.14 1.51
N SER C 303 -0.57 52.24 0.84
CA SER C 303 -0.39 53.20 -0.24
C SER C 303 -0.38 52.49 -1.59
N SER C 304 -1.44 51.75 -1.90
CA SER C 304 -1.53 50.95 -3.11
C SER C 304 -2.52 51.55 -4.09
N ASN C 305 -2.39 51.12 -5.35
CA ASN C 305 -3.32 51.54 -6.39
C ASN C 305 -4.65 50.80 -6.26
N ARG C 306 -4.60 49.48 -6.10
CA ARG C 306 -5.83 48.69 -5.96
C ARG C 306 -6.53 49.04 -4.66
N GLU C 307 -7.84 49.27 -4.74
CA GLU C 307 -8.61 49.57 -3.54
C GLU C 307 -8.66 48.38 -2.60
N GLU C 308 -8.74 47.17 -3.14
CA GLU C 308 -8.81 45.97 -2.30
C GLU C 308 -7.57 45.80 -1.45
N ALA C 309 -6.42 46.28 -1.94
CA ALA C 309 -5.20 46.22 -1.14
C ALA C 309 -5.29 47.15 0.07
N ARG C 310 -5.77 48.38 -0.15
CA ARG C 310 -5.97 49.30 0.95
C ARG C 310 -7.15 48.87 1.82
N ASN C 311 -8.16 48.26 1.23
CA ASN C 311 -9.32 47.80 2.00
C ASN C 311 -8.92 46.77 3.03
N LEU C 312 -8.17 45.74 2.61
CA LEU C 312 -7.76 44.69 3.55
C LEU C 312 -6.71 45.20 4.52
N ALA C 313 -5.79 46.06 4.05
CA ALA C 313 -4.74 46.58 4.92
C ALA C 313 -5.34 47.42 6.04
N ALA C 314 -6.22 48.36 5.69
CA ALA C 314 -6.90 49.14 6.72
C ALA C 314 -7.79 48.26 7.59
N PHE C 315 -8.37 47.22 7.02
CA PHE C 315 -9.18 46.29 7.80
C PHE C 315 -8.34 45.56 8.83
N HIS C 316 -7.09 45.25 8.49
CA HIS C 316 -6.20 44.59 9.44
C HIS C 316 -5.66 45.57 10.47
N PHE C 317 -5.32 46.79 10.04
CA PHE C 317 -4.86 47.80 10.99
C PHE C 317 -5.97 48.22 11.95
N CYS C 318 -7.23 48.18 11.49
CA CYS C 318 -8.34 48.48 12.39
C CYS C 318 -8.50 47.39 13.44
N MET C 319 -8.32 46.13 13.05
CA MET C 319 -8.35 45.04 14.02
C MET C 319 -7.17 45.10 14.96
N GLU C 320 -5.97 45.37 14.44
CA GLU C 320 -4.77 45.37 15.25
C GLU C 320 -4.73 46.52 16.24
N ALA C 321 -5.28 47.68 15.85
CA ALA C 321 -5.25 48.85 16.74
C ALA C 321 -6.04 48.58 18.03
N GLY C 322 -7.21 47.95 17.91
CA GLY C 322 -7.98 47.61 19.09
C GLY C 322 -7.29 46.58 19.96
N ILE C 323 -6.48 45.70 19.36
CA ILE C 323 -5.75 44.72 20.13
C ILE C 323 -4.59 45.37 20.87
N LYS C 324 -3.85 46.25 20.19
CA LYS C 324 -2.73 46.93 20.84
C LYS C 324 -3.18 47.89 21.93
N ARG C 325 -4.43 48.34 21.88
CA ARG C 325 -4.92 49.24 22.94
C ARG C 325 -5.17 48.50 24.24
N GLU C 326 -5.57 47.22 24.16
CA GLU C 326 -5.78 46.45 25.38
C GLU C 326 -4.47 46.12 26.08
N GLN C 327 -3.41 45.88 25.31
CA GLN C 327 -2.09 45.62 25.88
C GLN C 327 -1.30 46.89 26.15
N GLY C 328 -1.83 48.06 25.81
CA GLY C 328 -1.11 49.29 26.03
C GLY C 328 0.12 49.45 25.18
N ASN C 329 0.17 48.80 24.01
CA ASN C 329 1.31 48.90 23.12
C ASN C 329 0.93 49.61 21.83
N THR C 330 0.22 50.74 21.94
CA THR C 330 -0.15 51.52 20.77
C THR C 330 1.01 52.35 20.23
N ASP C 331 2.11 52.46 20.97
CA ASP C 331 3.26 53.24 20.52
C ASP C 331 4.01 52.57 19.37
N ILE C 332 3.66 51.34 19.00
CA ILE C 332 4.37 50.65 17.93
C ILE C 332 4.02 51.26 16.58
N PHE C 333 2.80 51.81 16.44
CA PHE C 333 2.42 52.40 15.16
C PHE C 333 3.26 53.62 14.84
N ARG C 334 3.73 54.34 15.85
CA ARG C 334 4.70 55.40 15.62
C ARG C 334 6.10 54.85 15.40
N GLU C 335 6.38 53.65 15.93
CA GLU C 335 7.69 53.03 15.73
C GLU C 335 7.80 52.39 14.35
N ILE C 336 6.71 51.84 13.83
CA ILE C 336 6.68 51.29 12.48
C ILE C 336 6.30 52.34 11.44
N ASN C 337 6.18 53.60 11.83
CA ASN C 337 5.81 54.69 10.92
C ASN C 337 4.49 54.42 10.20
N ALA C 338 3.56 53.74 10.86
CA ALA C 338 2.23 53.50 10.32
C ALA C 338 1.28 54.67 10.53
N ILE C 339 1.62 55.61 11.42
CA ILE C 339 0.74 56.75 11.64
C ILE C 339 0.66 57.63 10.40
N GLU C 340 1.79 57.85 9.74
CA GLU C 340 1.79 58.69 8.53
C GLU C 340 0.97 58.03 7.41
N ALA C 341 0.90 56.71 7.39
CA ALA C 341 0.15 56.02 6.35
C ALA C 341 -1.34 55.97 6.66
N LEU C 342 -1.70 55.76 7.93
CA LEU C 342 -3.11 55.69 8.30
C LEU C 342 -3.80 57.03 8.14
N LYS C 343 -3.06 58.14 8.24
CA LYS C 343 -3.67 59.46 8.13
C LYS C 343 -4.00 59.79 6.68
N ASN C 344 -3.16 59.38 5.74
CA ASN C 344 -3.46 59.62 4.33
C ASN C 344 -4.61 58.76 3.85
N VAL C 345 -4.82 57.59 4.47
CA VAL C 345 -5.94 56.74 4.11
C VAL C 345 -7.23 57.22 4.78
N ALA C 346 -7.11 57.88 5.94
CA ALA C 346 -8.29 58.43 6.61
C ALA C 346 -8.90 59.60 5.85
N SER C 347 -8.33 60.01 4.72
CA SER C 347 -8.84 61.12 3.94
C SER C 347 -9.24 60.72 2.53
N CYS C 348 -9.10 59.45 2.15
CA CYS C 348 -9.43 59.00 0.81
C CYS C 348 -10.94 59.08 0.59
N PRO C 349 -11.38 59.12 -0.68
CA PRO C 349 -12.82 59.29 -0.94
C PRO C 349 -13.65 58.07 -0.56
N ASN C 350 -13.20 56.86 -0.90
CA ASN C 350 -13.99 55.67 -0.62
C ASN C 350 -14.12 55.45 0.88
N ALA C 351 -15.36 55.47 1.39
CA ALA C 351 -15.60 55.31 2.82
C ALA C 351 -15.32 53.90 3.31
N ILE C 352 -15.01 52.95 2.41
CA ILE C 352 -14.72 51.59 2.84
C ILE C 352 -13.43 51.55 3.65
N ALA C 353 -12.31 51.92 3.02
CA ALA C 353 -11.03 51.96 3.71
C ALA C 353 -10.84 53.22 4.54
N SER C 354 -11.80 54.14 4.52
CA SER C 354 -11.67 55.39 5.27
C SER C 354 -12.05 55.19 6.73
N LYS C 355 -13.17 54.52 7.00
CA LYS C 355 -13.60 54.30 8.37
C LYS C 355 -12.67 53.34 9.10
N PHE C 356 -12.07 52.38 8.37
CA PHE C 356 -11.16 51.44 9.01
C PHE C 356 -9.87 52.11 9.43
N ALA C 357 -9.30 52.96 8.57
CA ALA C 357 -8.12 53.70 8.95
C ALA C 357 -8.42 54.79 9.97
N ALA C 358 -9.65 55.31 9.97
CA ALA C 358 -10.02 56.34 10.94
C ALA C 358 -10.20 55.74 12.33
N GLN C 359 -10.93 54.62 12.41
CA GLN C 359 -11.09 53.95 13.70
C GLN C 359 -9.75 53.46 14.23
N ALA C 360 -8.85 53.04 13.34
CA ALA C 360 -7.53 52.62 13.78
C ALA C 360 -6.74 53.78 14.39
N LEU C 361 -6.97 55.00 13.91
CA LEU C 361 -6.26 56.16 14.46
C LEU C 361 -6.84 56.61 15.79
N ARG C 362 -8.16 56.48 15.98
CA ARG C 362 -8.75 56.84 17.26
C ARG C 362 -8.43 55.83 18.34
N LEU C 363 -8.12 54.58 17.98
CA LEU C 363 -7.78 53.54 18.94
C LEU C 363 -6.33 53.59 19.39
N ILE C 364 -5.56 54.59 18.95
CA ILE C 364 -4.15 54.69 19.34
C ILE C 364 -3.96 55.84 20.33
#